data_5ZI4
#
_entry.id   5ZI4
#
_cell.length_a   57.218
_cell.length_b   86.658
_cell.length_c   135.050
_cell.angle_alpha   90.00
_cell.angle_beta   90.00
_cell.angle_gamma   90.00
#
_symmetry.space_group_name_H-M   'P 21 21 21'
#
loop_
_entity.id
_entity.type
_entity.pdbx_description
1 polymer 'Malate dehydrogenase'
2 non-polymer 'OXALOACETATE ION'
3 non-polymer NICOTINAMIDE-ADENINE-DINUCLEOTIDE
4 water water
#
_entity_poly.entity_id   1
_entity_poly.type   'polypeptide(L)'
_entity_poly.pdbx_seq_one_letter_code
;GSMVKVAILGASGGVGQPLSLLLKLSPYVSELALYDIRAAEGIGKDLSHINTNSSCVGYDKDSIENTLSNAQVVLIPAGV
PRKPGLTRDDLFKMNAGIVKSLVTAVGKFAPNARILVISNPVNSLVPIAVETLKKMGKFKPGNVMGVTNLDLVRAETFLV
DYLMLKNPKIGQEQDKTTMHRKVTVIGGHSGETIIPIITDKSLVFQLDKQYEHFIHRVQFGGDEIVKAKQGAGSATLSMA
FAGAKFAEEVLRSFHNEKPETESLSAFVYLPGLKNGKKAQQLVGDNSIEYFSLPIVLRNGSVVSIDTSVLEKLSPREEQL
VNTAVKELRKNIEKGKSFILDSSKL
;
_entity_poly.pdbx_strand_id   A,B
#
# COMPACT_ATOMS: atom_id res chain seq x y z
N MET A 3 0.71 -20.13 3.62
CA MET A 3 1.00 -21.23 4.62
C MET A 3 0.79 -20.77 6.05
N VAL A 4 1.28 -19.56 6.36
CA VAL A 4 1.44 -19.01 7.71
C VAL A 4 0.36 -17.99 8.10
N LYS A 5 -0.15 -18.02 9.33
CA LYS A 5 -1.03 -16.95 9.87
C LYS A 5 -0.21 -15.73 10.37
N VAL A 6 -0.64 -14.54 9.94
CA VAL A 6 0.00 -13.29 10.33
C VAL A 6 -0.99 -12.46 11.13
N ALA A 7 -0.55 -11.88 12.23
CA ALA A 7 -1.40 -10.95 12.96
C ALA A 7 -0.70 -9.62 12.98
N ILE A 8 -1.50 -8.52 12.94
CA ILE A 8 -0.96 -7.16 13.00
C ILE A 8 -1.65 -6.47 14.18
N LEU A 9 -0.84 -6.06 15.15
CA LEU A 9 -1.36 -5.42 16.38
C LEU A 9 -1.08 -3.92 16.21
N GLY A 10 -2.14 -3.13 16.06
CA GLY A 10 -2.01 -1.73 15.69
C GLY A 10 -2.34 -1.44 14.22
N ALA A 11 -3.19 -2.28 13.62
CA ALA A 11 -3.44 -2.28 12.19
C ALA A 11 -4.22 -1.09 11.64
N SER A 12 -4.72 -0.22 12.49
CA SER A 12 -5.58 0.86 12.02
C SER A 12 -4.85 2.19 12.02
N GLY A 13 -3.59 2.20 12.34
CA GLY A 13 -2.85 3.41 12.45
C GLY A 13 -2.27 3.84 11.14
N GLY A 14 -1.47 4.93 11.18
CA GLY A 14 -0.86 5.52 9.98
C GLY A 14 0.03 4.48 9.31
N VAL A 15 0.79 3.78 10.12
CA VAL A 15 1.67 2.71 9.61
C VAL A 15 0.87 1.44 9.37
N GLY A 16 -0.07 1.13 10.27
CA GLY A 16 -0.74 -0.15 10.30
C GLY A 16 -1.66 -0.42 9.11
N GLN A 17 -2.38 0.60 8.63
CA GLN A 17 -3.35 0.36 7.51
C GLN A 17 -2.62 0.04 6.24
N PRO A 18 -1.68 0.93 5.81
CA PRO A 18 -0.89 0.58 4.66
C PRO A 18 -0.08 -0.71 4.86
N LEU A 19 0.40 -0.95 6.08
CA LEU A 19 1.13 -2.18 6.32
C LEU A 19 0.25 -3.40 6.07
N SER A 20 -0.97 -3.35 6.59
CA SER A 20 -1.97 -4.38 6.35
C SER A 20 -2.32 -4.61 4.89
N LEU A 21 -2.51 -3.53 4.13
CA LEU A 21 -2.75 -3.63 2.67
C LEU A 21 -1.58 -4.41 1.98
N LEU A 22 -0.34 -4.07 2.30
CA LEU A 22 0.81 -4.74 1.66
C LEU A 22 0.83 -6.17 2.10
N LEU A 23 0.51 -6.43 3.39
CA LEU A 23 0.51 -7.80 3.84
C LEU A 23 -0.62 -8.56 3.17
N LYS A 24 -1.74 -7.90 2.86
CA LYS A 24 -2.81 -8.61 2.12
C LYS A 24 -2.34 -9.15 0.75
N LEU A 25 -1.39 -8.46 0.15
CA LEU A 25 -0.87 -8.82 -1.16
C LEU A 25 0.20 -9.91 -1.14
N SER A 26 0.69 -10.29 0.02
CA SER A 26 1.70 -11.36 0.14
C SER A 26 1.13 -12.73 -0.26
N PRO A 27 1.75 -13.42 -1.26
CA PRO A 27 1.38 -14.81 -1.53
C PRO A 27 1.80 -15.76 -0.40
N TYR A 28 2.63 -15.30 0.55
CA TYR A 28 3.10 -16.20 1.62
C TYR A 28 2.14 -16.39 2.81
N VAL A 29 1.04 -15.66 2.83
CA VAL A 29 0.15 -15.58 4.00
C VAL A 29 -1.13 -16.31 3.78
N SER A 30 -1.50 -17.19 4.70
CA SER A 30 -2.80 -17.90 4.66
C SER A 30 -3.90 -17.07 5.26
N GLU A 31 -3.69 -16.64 6.49
CA GLU A 31 -4.69 -15.92 7.26
C GLU A 31 -4.04 -14.60 7.72
N LEU A 32 -4.75 -13.49 7.53
CA LEU A 32 -4.26 -12.19 7.94
C LEU A 32 -5.26 -11.72 8.93
N ALA A 33 -4.78 -11.48 10.16
CA ALA A 33 -5.63 -11.02 11.27
C ALA A 33 -5.25 -9.64 11.77
N LEU A 34 -6.23 -8.76 11.87
CA LEU A 34 -5.91 -7.36 12.20
C LEU A 34 -6.54 -7.00 13.49
N TYR A 35 -5.75 -6.29 14.32
CA TYR A 35 -6.21 -5.92 15.67
C TYR A 35 -5.77 -4.50 15.98
N ASP A 36 -6.68 -3.74 16.57
CA ASP A 36 -6.40 -2.40 17.05
C ASP A 36 -7.39 -2.08 18.19
N ILE A 37 -7.10 -1.03 18.95
CA ILE A 37 -8.01 -0.54 19.91
C ILE A 37 -9.27 -0.02 19.22
N ARG A 38 -9.21 0.30 17.93
CA ARG A 38 -10.38 0.77 17.18
C ARG A 38 -10.25 0.41 15.70
N ALA A 39 -11.43 0.32 15.04
CA ALA A 39 -11.57 0.32 13.57
C ALA A 39 -11.02 -0.89 12.78
N ALA A 40 -10.48 -1.86 13.44
CA ALA A 40 -9.80 -2.95 12.71
C ALA A 40 -10.77 -3.84 11.93
N GLU A 41 -11.98 -4.06 12.42
CA GLU A 41 -12.98 -4.82 11.71
C GLU A 41 -13.32 -4.29 10.31
N GLY A 42 -13.61 -2.99 10.22
CA GLY A 42 -13.88 -2.34 8.92
C GLY A 42 -12.69 -2.39 7.95
N ILE A 43 -11.49 -2.12 8.50
CA ILE A 43 -10.28 -2.23 7.70
C ILE A 43 -10.03 -3.67 7.20
N GLY A 44 -10.29 -4.65 8.03
CA GLY A 44 -10.21 -6.04 7.54
C GLY A 44 -11.22 -6.40 6.45
N LYS A 45 -12.43 -5.91 6.63
CA LYS A 45 -13.48 -6.16 5.63
C LYS A 45 -13.10 -5.51 4.31
N ASP A 46 -12.63 -4.26 4.39
CA ASP A 46 -12.15 -3.51 3.20
C ASP A 46 -11.09 -4.35 2.48
N LEU A 47 -10.06 -4.75 3.22
CA LEU A 47 -9.03 -5.54 2.60
C LEU A 47 -9.52 -6.92 2.13
N SER A 48 -10.52 -7.52 2.79
CA SER A 48 -11.00 -8.86 2.37
C SER A 48 -11.51 -8.89 0.92
N HIS A 49 -11.90 -7.70 0.37
CA HIS A 49 -12.39 -7.61 -1.00
C HIS A 49 -11.32 -7.70 -2.04
N ILE A 50 -10.06 -7.51 -1.64
CA ILE A 50 -8.91 -7.57 -2.57
C ILE A 50 -8.70 -9.01 -3.09
N ASN A 51 -8.51 -9.18 -4.38
CA ASN A 51 -8.44 -10.53 -4.97
C ASN A 51 -7.04 -11.14 -4.87
N THR A 52 -6.60 -11.35 -3.63
CA THR A 52 -5.44 -12.18 -3.36
C THR A 52 -5.92 -13.25 -2.41
N ASN A 53 -5.15 -14.34 -2.34
CA ASN A 53 -5.68 -15.55 -1.68
C ASN A 53 -5.78 -15.56 -0.13
N SER A 54 -5.05 -14.69 0.57
CA SER A 54 -5.12 -14.64 2.06
C SER A 54 -6.53 -14.35 2.59
N SER A 55 -6.94 -14.95 3.69
CA SER A 55 -8.26 -14.59 4.25
C SER A 55 -7.98 -13.50 5.32
N CYS A 56 -8.59 -12.34 5.14
CA CYS A 56 -8.35 -11.19 6.01
C CYS A 56 -9.56 -10.89 6.90
N VAL A 57 -9.35 -10.96 8.22
CA VAL A 57 -10.38 -10.66 9.21
C VAL A 57 -9.77 -9.65 10.19
N GLY A 58 -10.55 -8.61 10.51
CA GLY A 58 -10.22 -7.64 11.59
C GLY A 58 -11.05 -7.92 12.85
N TYR A 59 -10.54 -7.45 14.00
CA TYR A 59 -11.03 -7.81 15.30
C TYR A 59 -11.10 -6.59 16.23
N ASP A 60 -12.16 -6.54 17.05
CA ASP A 60 -12.31 -5.43 18.03
C ASP A 60 -11.29 -5.47 19.14
N LYS A 61 -11.24 -4.42 19.97
CA LYS A 61 -10.22 -4.31 21.03
C LYS A 61 -10.21 -5.41 22.04
N ASP A 62 -11.36 -6.05 22.22
CA ASP A 62 -11.52 -7.17 23.17
C ASP A 62 -11.35 -8.56 22.54
N SER A 63 -10.80 -8.64 21.32
CA SER A 63 -10.68 -9.90 20.63
C SER A 63 -9.27 -10.22 20.25
N ILE A 64 -8.29 -9.90 21.10
CA ILE A 64 -6.91 -10.21 20.76
C ILE A 64 -6.70 -11.72 20.79
N GLU A 65 -7.53 -12.39 21.60
CA GLU A 65 -7.55 -13.84 21.70
C GLU A 65 -7.69 -14.52 20.31
N ASN A 66 -8.74 -14.16 19.58
CA ASN A 66 -8.98 -14.75 18.26
C ASN A 66 -8.01 -14.17 17.22
N THR A 67 -7.54 -12.94 17.40
CA THR A 67 -6.52 -12.39 16.53
C THR A 67 -5.26 -13.28 16.53
N LEU A 68 -4.81 -13.62 17.74
CA LEU A 68 -3.48 -14.25 17.90
C LEU A 68 -3.45 -15.78 17.77
N SER A 69 -4.61 -16.41 17.95
CA SER A 69 -4.76 -17.86 17.88
C SER A 69 -4.14 -18.40 16.61
N ASN A 70 -3.16 -19.29 16.73
CA ASN A 70 -2.45 -19.90 15.58
C ASN A 70 -1.63 -18.94 14.75
N ALA A 71 -1.47 -17.70 15.21
CA ALA A 71 -0.60 -16.79 14.50
C ALA A 71 0.83 -17.27 14.67
N GLN A 72 1.57 -17.32 13.56
CA GLN A 72 3.00 -17.58 13.59
C GLN A 72 3.91 -16.39 13.41
N VAL A 73 3.35 -15.31 12.87
CA VAL A 73 4.08 -14.07 12.72
C VAL A 73 3.22 -12.90 13.22
N VAL A 74 3.79 -12.09 14.10
CA VAL A 74 3.09 -10.96 14.68
C VAL A 74 3.88 -9.70 14.41
N LEU A 75 3.25 -8.77 13.68
CA LEU A 75 3.75 -7.44 13.39
C LEU A 75 3.16 -6.44 14.38
N ILE A 76 4.02 -5.61 14.97
CA ILE A 76 3.54 -4.61 15.94
C ILE A 76 3.83 -3.17 15.53
N PRO A 77 2.95 -2.62 14.69
CA PRO A 77 2.98 -1.20 14.42
C PRO A 77 2.25 -0.32 15.42
N ALA A 78 1.63 -0.90 16.42
CA ALA A 78 0.95 -0.15 17.45
C ALA A 78 1.95 0.77 18.16
N GLY A 79 1.48 1.95 18.51
CA GLY A 79 2.32 2.91 19.18
C GLY A 79 1.76 4.27 19.16
N VAL A 80 2.44 5.18 19.86
CA VAL A 80 2.22 6.58 19.71
C VAL A 80 3.42 7.13 18.93
N PRO A 81 3.17 7.89 17.86
CA PRO A 81 4.26 8.49 17.13
C PRO A 81 4.76 9.82 17.75
N ARG A 82 5.81 10.36 17.16
CA ARG A 82 6.27 11.71 17.51
C ARG A 82 5.20 12.77 17.26
N LYS A 83 5.17 13.78 18.13
CA LYS A 83 4.16 14.84 18.12
C LYS A 83 4.82 16.11 18.61
N PRO A 84 4.33 17.28 18.13
CA PRO A 84 4.95 18.56 18.55
C PRO A 84 5.06 18.70 20.09
N GLY A 85 4.01 18.32 20.81
CA GLY A 85 4.02 18.31 22.27
C GLY A 85 5.05 17.46 23.05
N LEU A 86 5.30 16.21 22.61
CA LEU A 86 5.82 15.15 23.52
C LEU A 86 7.30 15.09 23.86
N THR A 87 7.62 14.96 25.14
CA THR A 87 9.01 14.78 25.56
C THR A 87 9.43 13.40 25.14
N ARG A 88 10.73 13.23 25.02
CA ARG A 88 11.33 11.92 24.78
C ARG A 88 10.76 10.92 25.79
N ASP A 89 10.80 11.32 27.07
CA ASP A 89 10.46 10.43 28.17
C ASP A 89 8.97 10.05 28.20
N ASP A 90 8.09 11.00 27.89
CA ASP A 90 6.63 10.75 27.88
C ASP A 90 6.25 9.85 26.68
N LEU A 91 6.82 10.13 25.51
CA LEU A 91 6.71 9.22 24.32
C LEU A 91 7.08 7.76 24.72
N PHE A 92 8.27 7.62 25.32
CA PHE A 92 8.75 6.35 25.78
C PHE A 92 7.75 5.64 26.69
N LYS A 93 7.21 6.38 27.65
CA LYS A 93 6.28 5.78 28.64
C LYS A 93 5.10 5.16 27.95
N MET A 94 4.49 5.91 27.02
CA MET A 94 3.28 5.44 26.34
C MET A 94 3.52 4.16 25.52
N ASN A 95 4.60 4.13 24.77
CA ASN A 95 4.90 3.03 23.85
C ASN A 95 5.37 1.82 24.64
N ALA A 96 6.06 2.07 25.76
CA ALA A 96 6.49 1.00 26.64
C ALA A 96 5.32 0.19 27.15
N GLY A 97 4.29 0.87 27.60
CA GLY A 97 3.07 0.22 28.12
C GLY A 97 2.37 -0.60 27.01
N ILE A 98 2.28 -0.03 25.84
CA ILE A 98 1.65 -0.66 24.68
C ILE A 98 2.43 -1.91 24.25
N VAL A 99 3.75 -1.81 24.19
CA VAL A 99 4.53 -3.01 23.83
C VAL A 99 4.44 -4.09 24.88
N LYS A 100 4.61 -3.74 26.18
CA LYS A 100 4.47 -4.72 27.27
C LYS A 100 3.15 -5.46 27.22
N SER A 101 2.09 -4.69 27.05
CA SER A 101 0.76 -5.20 27.03
C SER A 101 0.50 -6.18 25.82
N LEU A 102 0.89 -5.77 24.61
CA LEU A 102 0.67 -6.60 23.41
C LEU A 102 1.59 -7.79 23.40
N VAL A 103 2.83 -7.62 23.86
CA VAL A 103 3.76 -8.74 23.93
C VAL A 103 3.32 -9.78 25.00
N THR A 104 2.76 -9.31 26.09
CA THR A 104 2.18 -10.22 27.08
C THR A 104 1.10 -11.08 26.42
N ALA A 105 0.26 -10.47 25.60
CA ALA A 105 -0.80 -11.21 24.94
C ALA A 105 -0.23 -12.23 23.97
N VAL A 106 0.86 -11.88 23.30
CA VAL A 106 1.49 -12.81 22.40
C VAL A 106 1.98 -14.03 23.20
N GLY A 107 2.69 -13.73 24.28
CA GLY A 107 3.21 -14.75 25.22
C GLY A 107 2.09 -15.68 25.70
N LYS A 108 0.91 -15.09 25.90
CA LYS A 108 -0.24 -15.83 26.40
C LYS A 108 -0.99 -16.62 25.34
N PHE A 109 -1.13 -16.08 24.12
CA PHE A 109 -1.99 -16.72 23.11
C PHE A 109 -1.26 -17.26 21.86
N ALA A 110 -0.02 -16.83 21.59
CA ALA A 110 0.80 -17.35 20.46
C ALA A 110 2.28 -17.34 20.85
N PRO A 111 2.64 -18.12 21.90
CA PRO A 111 4.01 -18.02 22.41
C PRO A 111 5.09 -18.34 21.40
N ASN A 112 4.80 -19.16 20.37
CA ASN A 112 5.81 -19.46 19.32
C ASN A 112 6.01 -18.41 18.22
N ALA A 113 5.21 -17.34 18.22
CA ALA A 113 5.21 -16.42 17.09
C ALA A 113 6.48 -15.68 16.98
N ARG A 114 6.83 -15.35 15.74
CA ARG A 114 7.93 -14.46 15.44
C ARG A 114 7.32 -13.10 15.66
N ILE A 115 7.97 -12.29 16.47
CA ILE A 115 7.40 -10.97 16.88
C ILE A 115 8.26 -9.91 16.23
N LEU A 116 7.62 -9.11 15.36
CA LEU A 116 8.26 -8.04 14.60
C LEU A 116 7.83 -6.67 15.13
N VAL A 117 8.72 -6.03 15.85
CA VAL A 117 8.41 -4.80 16.57
C VAL A 117 8.74 -3.61 15.69
N ILE A 118 7.72 -2.85 15.33
CA ILE A 118 7.90 -1.64 14.55
C ILE A 118 7.85 -0.41 15.48
N SER A 119 7.11 -0.53 16.58
CA SER A 119 6.94 0.55 17.54
C SER A 119 8.24 1.22 17.87
N ASN A 120 8.22 2.53 18.13
CA ASN A 120 9.46 3.29 18.43
C ASN A 120 9.40 3.90 19.85
N PRO A 121 10.50 4.01 20.63
CA PRO A 121 11.88 3.70 20.22
C PRO A 121 12.19 2.22 20.21
N VAL A 122 12.46 1.69 19.03
CA VAL A 122 12.90 0.31 18.84
C VAL A 122 14.02 -0.11 19.82
N ASN A 123 15.03 0.74 20.02
CA ASN A 123 16.20 0.43 20.86
C ASN A 123 15.85 0.05 22.30
N SER A 124 14.75 0.61 22.84
CA SER A 124 14.25 0.29 24.18
C SER A 124 13.05 -0.62 24.16
N LEU A 125 12.22 -0.53 23.12
CA LEU A 125 10.98 -1.32 23.11
C LEU A 125 11.28 -2.79 22.88
N VAL A 126 12.27 -3.12 22.06
CA VAL A 126 12.67 -4.55 21.85
C VAL A 126 13.19 -5.22 23.17
N PRO A 127 14.07 -4.52 23.92
CA PRO A 127 14.38 -5.05 25.28
C PRO A 127 13.19 -5.19 26.22
N ILE A 128 12.25 -4.26 26.19
CA ILE A 128 11.01 -4.48 26.92
C ILE A 128 10.24 -5.76 26.49
N ALA A 129 10.14 -6.01 25.19
CA ALA A 129 9.44 -7.23 24.71
C ALA A 129 10.18 -8.50 25.19
N VAL A 130 11.49 -8.47 25.15
CA VAL A 130 12.30 -9.62 25.57
C VAL A 130 12.13 -9.86 27.06
N GLU A 131 12.34 -8.80 27.84
CA GLU A 131 12.28 -8.92 29.29
C GLU A 131 10.87 -9.23 29.74
N THR A 132 9.86 -8.79 29.00
CA THR A 132 8.48 -9.25 29.26
C THR A 132 8.37 -10.75 29.03
N LEU A 133 8.85 -11.21 27.86
CA LEU A 133 8.74 -12.62 27.51
C LEU A 133 9.51 -13.54 28.50
N LYS A 134 10.74 -13.14 28.84
CA LYS A 134 11.55 -13.92 29.83
C LYS A 134 10.75 -14.19 31.13
N LYS A 135 10.22 -13.11 31.70
CA LYS A 135 9.40 -13.15 32.92
C LYS A 135 8.19 -14.11 32.82
N MET A 136 7.60 -14.22 31.62
CA MET A 136 6.55 -15.21 31.34
C MET A 136 7.13 -16.59 31.03
N GLY A 137 8.43 -16.73 30.85
CA GLY A 137 9.01 -18.02 30.46
C GLY A 137 8.69 -18.41 29.04
N LYS A 138 8.42 -17.43 28.18
CA LYS A 138 8.03 -17.66 26.80
C LYS A 138 9.00 -17.01 25.81
N PHE A 139 10.24 -16.71 26.25
CA PHE A 139 11.18 -16.00 25.41
C PHE A 139 12.03 -16.95 24.62
N LYS A 140 11.93 -16.86 23.28
CA LYS A 140 12.87 -17.51 22.34
C LYS A 140 13.69 -16.47 21.56
N PRO A 141 15.01 -16.48 21.70
CA PRO A 141 15.81 -15.43 21.06
C PRO A 141 15.69 -15.27 19.53
N GLY A 142 15.42 -16.36 18.83
CA GLY A 142 15.27 -16.31 17.38
C GLY A 142 14.03 -15.57 16.89
N ASN A 143 13.13 -15.29 17.82
CA ASN A 143 11.77 -14.86 17.47
C ASN A 143 11.39 -13.42 17.79
N VAL A 144 12.33 -12.60 18.21
CA VAL A 144 12.04 -11.21 18.56
C VAL A 144 13.01 -10.33 17.75
N MET A 145 12.43 -9.45 16.94
CA MET A 145 13.21 -8.72 15.95
C MET A 145 12.65 -7.32 15.91
N GLY A 146 13.49 -6.32 16.14
CA GLY A 146 13.09 -4.94 15.97
C GLY A 146 13.26 -4.62 14.50
N VAL A 147 12.21 -4.12 13.86
CA VAL A 147 12.24 -3.85 12.39
C VAL A 147 12.92 -2.53 12.18
N THR A 148 14.17 -2.63 11.66
CA THR A 148 15.06 -1.47 11.39
C THR A 148 15.20 -1.23 9.85
N ASN A 149 14.52 -2.09 9.08
CA ASN A 149 14.58 -2.11 7.61
C ASN A 149 14.37 -0.72 6.95
N LEU A 150 13.59 0.17 7.55
CA LEU A 150 13.41 1.49 6.95
C LEU A 150 14.73 2.25 6.85
N ASP A 151 15.67 1.93 7.73
CA ASP A 151 16.96 2.60 7.69
C ASP A 151 17.77 2.17 6.46
N LEU A 152 17.73 0.90 6.16
CA LEU A 152 18.34 0.38 4.96
C LEU A 152 17.76 1.02 3.69
N VAL A 153 16.42 1.12 3.68
CA VAL A 153 15.65 1.66 2.59
C VAL A 153 16.07 3.09 2.33
N ARG A 154 16.10 3.94 3.36
CA ARG A 154 16.57 5.30 3.20
C ARG A 154 18.03 5.40 2.69
N ALA A 155 18.88 4.47 3.16
CA ALA A 155 20.31 4.45 2.82
C ALA A 155 20.51 4.17 1.30
N GLU A 156 19.91 3.08 0.84
CA GLU A 156 19.75 2.79 -0.57
C GLU A 156 19.30 3.99 -1.40
N THR A 157 18.26 4.66 -0.93
CA THR A 157 17.68 5.78 -1.64
C THR A 157 18.56 7.07 -1.57
N PHE A 158 19.02 7.44 -0.37
CA PHE A 158 19.87 8.64 -0.27
C PHE A 158 21.27 8.44 -0.87
N LEU A 159 21.67 7.17 -1.08
CA LEU A 159 22.97 6.86 -1.67
C LEU A 159 22.88 7.35 -3.10
N VAL A 160 21.87 6.84 -3.82
CA VAL A 160 21.56 7.34 -5.17
C VAL A 160 21.24 8.86 -5.21
N ASP A 161 20.25 9.34 -4.50
CA ASP A 161 20.08 10.80 -4.53
C ASP A 161 21.43 11.59 -4.44
N TYR A 162 22.31 11.18 -3.52
CA TYR A 162 23.55 11.94 -3.29
C TYR A 162 24.56 11.75 -4.45
N LEU A 163 24.63 10.53 -4.99
CA LEU A 163 25.47 10.21 -6.16
C LEU A 163 25.10 11.11 -7.35
N MET A 164 23.80 11.13 -7.68
CA MET A 164 23.26 11.95 -8.76
C MET A 164 23.82 13.36 -8.76
N LEU A 165 23.73 14.01 -7.61
CA LEU A 165 24.16 15.40 -7.49
C LEU A 165 25.69 15.51 -7.61
N LYS A 166 26.43 14.47 -7.19
CA LYS A 166 27.89 14.42 -7.40
C LYS A 166 28.27 14.02 -8.85
N ASN A 167 27.95 12.78 -9.24
CA ASN A 167 28.26 12.27 -10.55
C ASN A 167 27.03 11.61 -11.23
N PRO A 168 26.30 12.35 -12.12
CA PRO A 168 25.13 11.81 -12.84
C PRO A 168 25.41 10.59 -13.70
N LYS A 169 26.60 10.55 -14.29
CA LYS A 169 27.03 9.39 -15.03
C LYS A 169 26.81 8.14 -14.17
N ILE A 170 27.36 8.15 -12.94
CA ILE A 170 27.23 6.99 -12.01
C ILE A 170 25.88 6.95 -11.28
N GLY A 171 25.38 8.09 -10.80
CA GLY A 171 24.03 8.18 -10.21
C GLY A 171 22.99 7.39 -11.02
N GLN A 172 22.94 7.70 -12.31
CA GLN A 172 22.03 7.07 -13.29
C GLN A 172 22.31 5.59 -13.52
N GLU A 173 23.53 5.14 -13.24
CA GLU A 173 23.89 3.72 -13.40
C GLU A 173 23.27 2.80 -12.33
N GLN A 174 22.76 3.40 -11.26
CA GLN A 174 22.28 2.63 -10.11
C GLN A 174 20.80 2.29 -10.16
N ASP A 175 20.48 1.15 -9.60
CA ASP A 175 19.11 0.75 -9.44
C ASP A 175 18.81 0.91 -7.92
N LYS A 176 18.12 2.02 -7.54
CA LYS A 176 17.66 2.25 -6.14
C LYS A 176 17.15 0.98 -5.49
N THR A 177 16.48 0.11 -6.27
CA THR A 177 15.91 -1.13 -5.69
C THR A 177 16.86 -2.25 -5.25
N THR A 178 18.04 -2.40 -5.86
CA THR A 178 18.92 -3.55 -5.54
C THR A 178 20.15 -3.08 -4.82
N MET A 179 20.10 -1.89 -4.25
CA MET A 179 21.27 -1.30 -3.65
C MET A 179 21.62 -1.70 -2.20
N HIS A 180 20.93 -2.74 -1.73
CA HIS A 180 21.29 -3.52 -0.58
C HIS A 180 22.52 -4.44 -0.79
N ARG A 181 23.17 -4.37 -1.96
CA ARG A 181 24.46 -5.06 -2.15
C ARG A 181 25.59 -4.08 -1.96
N LYS A 182 25.27 -2.80 -2.01
CA LYS A 182 26.24 -1.74 -1.87
C LYS A 182 26.08 -0.87 -0.60
N VAL A 183 25.04 -1.10 0.21
CA VAL A 183 24.96 -0.39 1.49
C VAL A 183 24.20 -1.30 2.45
N THR A 184 24.62 -1.29 3.69
CA THR A 184 24.08 -2.19 4.71
C THR A 184 24.05 -1.30 5.92
N VAL A 185 22.95 -1.35 6.69
CA VAL A 185 22.83 -0.51 7.86
C VAL A 185 22.82 -1.39 9.09
N ILE A 186 23.55 -0.93 10.11
CA ILE A 186 23.68 -1.66 11.38
C ILE A 186 23.51 -0.75 12.57
N GLY A 187 23.39 -1.35 13.75
CA GLY A 187 23.31 -0.59 15.04
C GLY A 187 21.93 -0.48 15.67
N GLY A 188 21.48 0.75 15.88
CA GLY A 188 20.13 0.99 16.36
C GLY A 188 19.33 1.81 15.38
N HIS A 189 18.14 2.16 15.80
CA HIS A 189 17.19 2.99 15.07
C HIS A 189 17.01 4.32 15.78
N SER A 190 17.95 5.21 15.56
CA SER A 190 17.84 6.61 15.99
C SER A 190 19.05 7.27 15.34
N GLY A 191 19.08 8.59 15.32
CA GLY A 191 20.13 9.33 14.62
C GLY A 191 21.53 9.11 15.18
N GLU A 192 21.60 8.95 16.49
CA GLU A 192 22.88 8.65 17.16
C GLU A 192 23.31 7.16 16.96
N THR A 193 22.38 6.27 16.60
CA THR A 193 22.65 4.82 16.58
C THR A 193 22.69 4.14 15.20
N ILE A 194 22.26 4.84 14.16
CA ILE A 194 22.20 4.28 12.81
C ILE A 194 23.57 4.41 12.18
N ILE A 195 24.02 3.32 11.60
CA ILE A 195 25.35 3.20 11.03
C ILE A 195 25.25 2.65 9.60
N PRO A 196 25.33 3.56 8.61
CA PRO A 196 25.33 3.14 7.21
C PRO A 196 26.76 2.73 6.80
N ILE A 197 26.93 1.45 6.49
CA ILE A 197 28.16 0.90 5.99
C ILE A 197 28.09 0.78 4.47
N ILE A 198 28.68 1.76 3.79
CA ILE A 198 28.75 1.66 2.35
C ILE A 198 29.79 0.59 2.18
N THR A 199 29.35 -0.58 1.72
CA THR A 199 30.24 -1.57 1.20
C THR A 199 30.49 -1.12 -0.25
N ASP A 200 31.40 -1.72 -1.03
CA ASP A 200 31.82 -1.13 -2.34
C ASP A 200 32.41 0.29 -2.12
N LYS A 201 33.71 0.33 -1.82
CA LYS A 201 34.34 1.51 -1.18
C LYS A 201 34.46 2.71 -2.10
N SER A 202 34.64 2.53 -3.41
CA SER A 202 34.93 3.72 -4.25
C SER A 202 33.71 4.58 -4.47
N LEU A 203 32.56 4.13 -3.97
CA LEU A 203 31.37 4.96 -3.86
C LEU A 203 31.57 6.08 -2.81
N VAL A 204 32.45 5.79 -1.83
CA VAL A 204 32.79 6.66 -0.67
C VAL A 204 33.67 7.85 -1.12
N PHE A 205 34.58 7.58 -2.07
CA PHE A 205 35.46 8.63 -2.62
C PHE A 205 34.70 9.56 -3.61
N GLN A 206 33.80 8.98 -4.44
CA GLN A 206 32.89 9.83 -5.27
C GLN A 206 32.04 10.69 -4.36
N LEU A 207 31.43 10.08 -3.34
CA LEU A 207 30.72 10.88 -2.34
C LEU A 207 31.53 12.04 -1.78
N ASP A 208 32.85 11.85 -1.67
CA ASP A 208 33.75 12.87 -1.20
C ASP A 208 33.19 13.62 0.04
N LYS A 209 32.97 14.94 -0.01
CA LYS A 209 32.35 15.67 1.13
C LYS A 209 30.82 15.55 1.25
N GLN A 210 30.20 14.84 0.30
CA GLN A 210 28.82 14.41 0.44
C GLN A 210 28.67 13.12 1.32
N TYR A 211 29.76 12.39 1.60
CA TYR A 211 29.76 11.29 2.63
C TYR A 211 29.14 11.72 3.99
N GLU A 212 29.81 12.60 4.75
CA GLU A 212 29.25 13.13 6.03
C GLU A 212 27.80 13.71 5.90
N HIS A 213 27.48 14.29 4.74
CA HIS A 213 26.11 14.77 4.44
C HIS A 213 25.10 13.62 4.22
N PHE A 214 25.51 12.59 3.46
CA PHE A 214 24.71 11.38 3.21
C PHE A 214 24.47 10.62 4.49
N ILE A 215 25.58 10.26 5.16
CA ILE A 215 25.54 9.56 6.44
C ILE A 215 24.51 10.22 7.33
N HIS A 216 24.56 11.56 7.48
CA HIS A 216 23.62 12.31 8.31
C HIS A 216 22.16 12.31 7.83
N ARG A 217 21.97 12.29 6.52
CA ARG A 217 20.63 12.23 5.93
C ARG A 217 19.91 10.93 6.31
N VAL A 218 20.61 9.82 6.23
CA VAL A 218 20.09 8.49 6.64
C VAL A 218 19.77 8.41 8.14
N GLN A 219 20.65 8.98 8.93
CA GLN A 219 20.54 8.89 10.37
C GLN A 219 19.38 9.74 10.81
N PHE A 220 19.18 10.89 10.15
CA PHE A 220 18.09 11.80 10.52
C PHE A 220 16.88 11.84 9.57
N GLY A 221 16.67 10.72 8.85
CA GLY A 221 15.52 10.50 7.97
C GLY A 221 14.17 10.70 8.63
N GLY A 222 13.99 10.08 9.81
CA GLY A 222 12.80 10.24 10.61
C GLY A 222 12.41 11.67 10.84
N ASP A 223 13.40 12.46 11.30
CA ASP A 223 13.22 13.92 11.53
C ASP A 223 12.79 14.63 10.28
N GLU A 224 13.46 14.32 9.18
CA GLU A 224 13.17 14.96 7.91
C GLU A 224 11.65 14.82 7.59
N ILE A 225 11.09 13.62 7.84
CA ILE A 225 9.66 13.40 7.55
C ILE A 225 8.76 14.12 8.53
N VAL A 226 9.12 14.08 9.80
CA VAL A 226 8.41 14.81 10.82
C VAL A 226 8.35 16.30 10.47
N LYS A 227 9.46 16.82 9.94
CA LYS A 227 9.54 18.23 9.62
C LYS A 227 8.75 18.54 8.35
N ALA A 228 8.88 17.67 7.37
CA ALA A 228 8.16 17.78 6.12
C ALA A 228 6.66 17.63 6.36
N LYS A 229 6.22 16.76 7.27
CA LYS A 229 4.76 16.69 7.64
C LYS A 229 4.31 17.77 8.61
N GLN A 230 5.20 18.74 8.85
CA GLN A 230 4.96 19.94 9.63
C GLN A 230 4.31 19.63 10.97
N GLY A 231 5.07 18.80 11.70
CA GLY A 231 4.75 18.35 13.02
C GLY A 231 3.65 17.31 13.13
N ALA A 232 2.71 17.27 12.18
CA ALA A 232 1.49 16.44 12.29
C ALA A 232 1.60 15.05 11.58
N GLY A 233 2.39 14.20 12.20
CA GLY A 233 2.72 12.86 11.73
C GLY A 233 4.20 12.65 11.46
N SER A 234 4.57 11.38 11.42
CA SER A 234 5.85 10.93 11.05
C SER A 234 5.68 9.97 9.86
N ALA A 235 6.78 9.39 9.42
CA ALA A 235 6.79 8.44 8.33
C ALA A 235 5.78 7.32 8.61
N THR A 236 4.94 7.04 7.61
CA THR A 236 3.89 5.99 7.66
C THR A 236 3.97 5.05 6.48
N LEU A 237 3.83 5.61 5.29
CA LEU A 237 3.74 4.81 4.05
C LEU A 237 5.08 4.12 3.69
N SER A 238 6.19 4.87 3.80
CA SER A 238 7.54 4.27 3.59
C SER A 238 7.79 3.23 4.66
N MET A 239 7.35 3.49 5.91
CA MET A 239 7.44 2.46 6.95
C MET A 239 6.66 1.22 6.61
N ALA A 240 5.42 1.37 6.10
CA ALA A 240 4.62 0.20 5.77
C ALA A 240 5.35 -0.60 4.67
N PHE A 241 5.90 0.11 3.69
CA PHE A 241 6.72 -0.50 2.67
C PHE A 241 7.88 -1.29 3.27
N ALA A 242 8.74 -0.61 4.07
CA ALA A 242 9.96 -1.26 4.67
C ALA A 242 9.60 -2.38 5.63
N GLY A 243 8.56 -2.17 6.41
CA GLY A 243 7.99 -3.23 7.24
C GLY A 243 7.44 -4.44 6.53
N ALA A 244 6.65 -4.21 5.49
CA ALA A 244 6.16 -5.30 4.63
C ALA A 244 7.27 -6.06 3.92
N LYS A 245 8.23 -5.36 3.32
CA LYS A 245 9.42 -6.06 2.74
C LYS A 245 10.04 -6.93 3.82
N PHE A 246 10.27 -6.37 5.00
CA PHE A 246 10.94 -7.15 6.04
C PHE A 246 10.15 -8.39 6.41
N ALA A 247 8.85 -8.25 6.63
CA ALA A 247 7.99 -9.40 6.92
C ALA A 247 7.98 -10.43 5.83
N GLU A 248 8.11 -9.96 4.60
CA GLU A 248 8.22 -10.85 3.43
C GLU A 248 9.43 -11.79 3.49
N GLU A 249 10.59 -11.25 3.89
CA GLU A 249 11.82 -12.07 4.06
C GLU A 249 11.62 -13.08 5.16
N VAL A 250 10.96 -12.67 6.25
CA VAL A 250 10.59 -13.57 7.32
C VAL A 250 9.72 -14.71 6.81
N LEU A 251 8.68 -14.33 6.09
CA LEU A 251 7.69 -15.26 5.56
C LEU A 251 8.30 -16.16 4.47
N ARG A 252 9.22 -15.59 3.69
CA ARG A 252 9.88 -16.27 2.59
C ARG A 252 10.69 -17.46 3.13
N SER A 253 11.42 -17.21 4.22
CA SER A 253 12.21 -18.24 4.91
C SER A 253 11.38 -19.41 5.46
N PHE A 254 10.05 -19.30 5.54
CA PHE A 254 9.20 -20.47 5.81
C PHE A 254 9.19 -21.46 4.63
N HIS A 255 9.48 -20.99 3.42
CA HIS A 255 9.33 -21.79 2.19
C HIS A 255 10.67 -21.89 1.49
N ASN A 256 11.68 -22.41 2.19
CA ASN A 256 12.97 -22.76 1.57
C ASN A 256 13.47 -21.83 0.44
N GLU A 257 13.26 -20.53 0.62
CA GLU A 257 13.70 -19.53 -0.34
C GLU A 257 14.74 -18.62 0.31
N LYS A 258 15.87 -18.51 -0.39
CA LYS A 258 16.86 -17.45 -0.15
C LYS A 258 16.21 -16.05 0.05
N PRO A 259 16.78 -15.21 0.93
CA PRO A 259 16.23 -13.85 1.02
C PRO A 259 16.58 -13.03 -0.20
N GLU A 260 15.67 -12.17 -0.62
CA GLU A 260 15.93 -11.27 -1.74
C GLU A 260 16.90 -10.15 -1.31
N THR A 261 16.91 -9.78 -0.01
CA THR A 261 17.78 -8.70 0.51
C THR A 261 19.05 -9.35 1.06
N GLU A 262 20.18 -8.92 0.50
CA GLU A 262 21.48 -9.33 0.95
C GLU A 262 21.80 -8.56 2.23
N SER A 263 22.36 -9.26 3.21
CA SER A 263 22.72 -8.66 4.52
C SER A 263 21.52 -7.95 5.18
N LEU A 264 20.37 -8.61 5.15
CA LEU A 264 19.15 -8.14 5.79
C LEU A 264 19.30 -8.00 7.31
N SER A 265 19.24 -6.77 7.82
CA SER A 265 19.43 -6.51 9.24
C SER A 265 18.09 -6.41 10.05
N ALA A 266 18.21 -6.60 11.36
CA ALA A 266 17.11 -6.43 12.38
C ALA A 266 17.75 -6.35 13.79
N PHE A 267 17.02 -5.78 14.73
CA PHE A 267 17.59 -5.44 16.01
C PHE A 267 17.26 -6.61 16.88
N VAL A 268 18.31 -7.37 17.23
CA VAL A 268 18.17 -8.68 17.85
C VAL A 268 19.00 -8.86 19.13
N TYR A 269 18.59 -9.83 19.94
CA TYR A 269 19.17 -10.11 21.26
C TYR A 269 20.44 -10.97 21.15
N LEU A 270 21.61 -10.34 21.24
CA LEU A 270 22.89 -11.00 20.87
C LEU A 270 23.18 -12.26 21.73
N PRO A 271 23.06 -12.17 23.07
CA PRO A 271 23.41 -13.36 23.90
C PRO A 271 22.63 -14.64 23.59
N GLY A 272 21.44 -14.54 23.03
CA GLY A 272 20.67 -15.76 22.76
C GLY A 272 20.89 -16.35 21.37
N LEU A 273 21.85 -15.80 20.62
CA LEU A 273 21.94 -16.01 19.20
C LEU A 273 23.35 -16.38 18.76
N LYS A 274 23.45 -17.44 17.95
CA LYS A 274 24.68 -17.88 17.28
C LYS A 274 25.49 -16.74 16.70
N ASN A 275 26.75 -16.66 17.14
CA ASN A 275 27.69 -15.54 16.86
C ASN A 275 27.34 -14.21 17.53
N GLY A 276 26.38 -14.23 18.46
CA GLY A 276 26.07 -13.03 19.22
C GLY A 276 27.25 -12.55 20.05
N LYS A 277 27.99 -13.50 20.63
CA LYS A 277 29.20 -13.20 21.38
C LYS A 277 30.22 -12.59 20.46
N LYS A 278 30.41 -13.20 19.28
CA LYS A 278 31.39 -12.69 18.30
C LYS A 278 31.04 -11.25 17.91
N ALA A 279 29.74 -10.92 17.85
CA ALA A 279 29.29 -9.56 17.46
C ALA A 279 29.60 -8.52 18.54
N GLN A 280 29.39 -8.92 19.80
CA GLN A 280 29.68 -8.07 20.95
C GLN A 280 31.16 -7.68 20.98
N GLN A 281 32.03 -8.67 20.72
CA GLN A 281 33.48 -8.45 20.71
C GLN A 281 33.77 -7.49 19.61
N LEU A 282 33.33 -7.84 18.41
CA LEU A 282 33.59 -7.00 17.24
C LEU A 282 33.04 -5.57 17.34
N VAL A 283 32.02 -5.29 18.16
CA VAL A 283 31.50 -3.88 18.38
C VAL A 283 32.10 -3.15 19.57
N GLY A 284 32.94 -3.85 20.35
CA GLY A 284 33.75 -3.23 21.38
C GLY A 284 32.94 -3.05 22.65
N ASP A 285 32.11 -4.03 22.97
CA ASP A 285 31.32 -4.05 24.20
C ASP A 285 30.81 -5.47 24.46
N ASN A 286 31.47 -6.12 25.41
CA ASN A 286 31.26 -7.54 25.69
C ASN A 286 29.90 -7.84 26.31
N SER A 287 29.27 -6.85 26.94
CA SER A 287 27.95 -7.00 27.52
C SER A 287 26.80 -6.30 26.73
N ILE A 288 27.04 -5.70 25.56
CA ILE A 288 25.88 -5.07 24.83
C ILE A 288 24.94 -6.17 24.37
N GLU A 289 23.69 -6.08 24.77
CA GLU A 289 22.75 -7.18 24.58
C GLU A 289 21.98 -7.09 23.26
N TYR A 290 21.99 -5.91 22.62
CA TYR A 290 21.24 -5.68 21.37
C TYR A 290 22.07 -4.95 20.33
N PHE A 291 21.85 -5.31 19.07
CA PHE A 291 22.39 -4.55 17.92
C PHE A 291 21.61 -4.98 16.69
N SER A 292 21.49 -4.09 15.71
CA SER A 292 20.92 -4.47 14.43
C SER A 292 22.05 -4.81 13.48
N LEU A 293 21.99 -6.05 13.02
CA LEU A 293 23.03 -6.69 12.27
C LEU A 293 22.37 -7.69 11.33
N PRO A 294 23.03 -7.99 10.20
CA PRO A 294 22.53 -9.02 9.28
C PRO A 294 22.20 -10.35 9.92
N ILE A 295 21.06 -10.89 9.56
CA ILE A 295 20.54 -12.10 10.20
C ILE A 295 20.36 -13.18 9.19
N VAL A 296 20.30 -14.41 9.66
CA VAL A 296 19.98 -15.58 8.83
C VAL A 296 18.72 -16.19 9.43
N LEU A 297 17.72 -16.36 8.57
CA LEU A 297 16.40 -16.85 8.93
C LEU A 297 16.19 -18.28 8.48
N ARG A 298 15.87 -19.15 9.43
CA ARG A 298 15.36 -20.47 9.13
C ARG A 298 13.98 -20.48 9.65
N ASN A 299 13.04 -20.63 8.75
CA ASN A 299 11.68 -20.89 9.15
C ASN A 299 11.03 -19.77 10.04
N GLY A 300 11.31 -18.53 9.67
CA GLY A 300 10.81 -17.37 10.41
C GLY A 300 11.70 -16.87 11.53
N SER A 301 12.67 -17.68 11.98
CA SER A 301 13.43 -17.42 13.20
C SER A 301 14.86 -17.12 12.90
N VAL A 302 15.45 -16.17 13.62
CA VAL A 302 16.84 -15.86 13.46
C VAL A 302 17.69 -17.02 14.02
N VAL A 303 18.50 -17.64 13.17
CA VAL A 303 19.35 -18.79 13.58
C VAL A 303 20.78 -18.38 13.67
N SER A 304 21.20 -17.41 12.88
CA SER A 304 22.50 -16.83 13.16
C SER A 304 22.60 -15.35 12.79
N ILE A 305 23.59 -14.71 13.36
CA ILE A 305 24.00 -13.38 13.01
C ILE A 305 25.23 -13.57 12.12
N ASP A 306 25.24 -12.85 11.00
CA ASP A 306 26.35 -12.83 10.09
C ASP A 306 27.10 -11.57 10.40
N THR A 307 28.31 -11.72 10.93
CA THR A 307 29.14 -10.60 11.41
C THR A 307 30.08 -9.93 10.39
N SER A 308 30.13 -10.47 9.17
CA SER A 308 31.11 -10.07 8.12
C SER A 308 31.37 -8.59 8.09
N VAL A 309 30.25 -7.91 8.00
CA VAL A 309 30.20 -6.47 7.90
C VAL A 309 30.93 -5.72 9.02
N LEU A 310 31.03 -6.28 10.22
CA LEU A 310 31.81 -5.60 11.30
C LEU A 310 33.35 -5.79 11.15
N GLU A 311 33.77 -6.90 10.53
CA GLU A 311 35.21 -7.24 10.35
C GLU A 311 36.07 -6.23 9.56
N LYS A 312 35.48 -5.38 8.72
CA LYS A 312 36.26 -4.49 7.87
C LYS A 312 35.66 -3.08 7.87
N LEU A 313 36.17 -2.22 8.74
CA LEU A 313 35.54 -0.93 8.97
C LEU A 313 36.50 0.24 8.86
N SER A 314 36.07 1.30 8.18
CA SER A 314 36.86 2.49 8.08
C SER A 314 37.15 3.11 9.46
N PRO A 315 38.18 3.93 9.56
CA PRO A 315 38.33 4.69 10.81
C PRO A 315 37.09 5.50 11.15
N ARG A 316 36.36 5.98 10.12
CA ARG A 316 35.07 6.67 10.35
C ARG A 316 33.94 5.72 10.82
N GLU A 317 33.91 4.51 10.25
CA GLU A 317 32.86 3.55 10.57
C GLU A 317 32.99 2.97 12.00
N GLU A 318 34.22 2.71 12.42
CA GLU A 318 34.48 2.34 13.81
C GLU A 318 34.10 3.49 14.73
N GLN A 319 34.37 4.72 14.28
CA GLN A 319 33.92 5.89 15.04
C GLN A 319 32.40 5.96 15.18
N LEU A 320 31.67 5.47 14.15
CA LEU A 320 30.20 5.43 14.19
C LEU A 320 29.73 4.29 15.08
N VAL A 321 30.39 3.13 14.98
CA VAL A 321 30.07 2.01 15.87
C VAL A 321 30.23 2.48 17.32
N ASN A 322 31.30 3.24 17.58
CA ASN A 322 31.65 3.64 18.95
C ASN A 322 30.53 4.49 19.53
N THR A 323 30.13 5.51 18.79
CA THR A 323 29.12 6.42 19.39
C THR A 323 27.74 5.69 19.51
N ALA A 324 27.47 4.77 18.57
CA ALA A 324 26.19 3.99 18.61
C ALA A 324 26.10 3.08 19.86
N VAL A 325 27.22 2.41 20.16
CA VAL A 325 27.27 1.48 21.28
C VAL A 325 27.03 2.27 22.57
N LYS A 326 27.68 3.43 22.74
CA LYS A 326 27.51 4.22 23.97
C LYS A 326 26.06 4.59 24.24
N GLU A 327 25.39 5.10 23.20
CA GLU A 327 23.97 5.48 23.31
C GLU A 327 23.01 4.24 23.41
N LEU A 328 23.25 3.20 22.61
CA LEU A 328 22.50 1.93 22.75
C LEU A 328 22.52 1.34 24.17
N ARG A 329 23.67 1.31 24.83
CA ARG A 329 23.68 0.88 26.24
C ARG A 329 22.65 1.58 27.10
N LYS A 330 22.53 2.89 26.94
CA LYS A 330 21.55 3.65 27.68
C LYS A 330 20.15 3.33 27.18
N ASN A 331 19.97 3.17 25.86
CA ASN A 331 18.63 2.79 25.33
C ASN A 331 18.13 1.44 25.85
N ILE A 332 19.02 0.47 25.87
CA ILE A 332 18.74 -0.89 26.36
C ILE A 332 18.43 -0.91 27.86
N GLU A 333 19.28 -0.25 28.64
CA GLU A 333 19.03 -0.04 30.10
C GLU A 333 17.71 0.67 30.36
N LYS A 334 17.40 1.71 29.56
CA LYS A 334 16.12 2.41 29.72
C LYS A 334 14.92 1.48 29.53
N GLY A 335 15.00 0.57 28.54
CA GLY A 335 13.96 -0.43 28.37
C GLY A 335 13.93 -1.55 29.41
N LYS A 336 15.08 -2.12 29.73
CA LYS A 336 15.14 -3.24 30.71
C LYS A 336 14.61 -2.84 32.09
N SER A 337 15.04 -1.68 32.56
CA SER A 337 14.57 -1.21 33.86
C SER A 337 13.06 -1.03 33.89
N PHE A 338 12.42 -0.65 32.77
CA PHE A 338 10.94 -0.46 32.70
C PHE A 338 10.22 -1.77 33.08
N ILE A 339 10.85 -2.90 32.75
CA ILE A 339 10.32 -4.19 33.15
C ILE A 339 10.92 -4.72 34.48
N LEU A 340 12.21 -4.47 34.72
CA LEU A 340 12.92 -5.03 35.86
C LEU A 340 12.69 -4.30 37.23
N ASP A 341 12.24 -3.04 37.23
CA ASP A 341 11.61 -2.36 38.40
C ASP A 341 10.97 -3.27 39.47
N MET B 3 10.36 8.59 -19.50
CA MET B 3 9.06 8.05 -19.99
C MET B 3 7.87 8.78 -19.36
N VAL B 4 7.28 8.27 -18.28
CA VAL B 4 5.91 8.70 -17.91
C VAL B 4 5.71 9.39 -16.52
N LYS B 5 5.17 10.61 -16.53
CA LYS B 5 4.78 11.35 -15.34
C LYS B 5 3.30 11.06 -15.01
N VAL B 6 3.09 10.63 -13.76
CA VAL B 6 1.77 10.48 -13.12
C VAL B 6 1.55 11.61 -12.07
N ALA B 7 0.43 12.31 -12.17
CA ALA B 7 -0.09 13.13 -11.14
C ALA B 7 -1.29 12.49 -10.44
N ILE B 8 -1.44 12.76 -9.13
CA ILE B 8 -2.56 12.26 -8.34
C ILE B 8 -3.13 13.47 -7.68
N LEU B 9 -4.37 13.73 -8.02
CA LEU B 9 -5.08 14.82 -7.43
C LEU B 9 -6.02 14.27 -6.40
N GLY B 10 -5.79 14.66 -5.14
CA GLY B 10 -6.48 14.10 -3.95
C GLY B 10 -5.58 13.08 -3.23
N ALA B 11 -4.24 13.20 -3.38
CA ALA B 11 -3.27 12.24 -2.86
C ALA B 11 -3.24 11.99 -1.36
N SER B 12 -3.90 12.83 -0.54
CA SER B 12 -3.71 12.78 0.89
C SER B 12 -4.87 12.11 1.53
N GLY B 13 -5.85 11.67 0.76
CA GLY B 13 -7.04 11.09 1.34
C GLY B 13 -6.93 9.63 1.65
N GLY B 14 -8.05 9.04 2.09
CA GLY B 14 -8.07 7.61 2.46
C GLY B 14 -7.77 6.72 1.28
N VAL B 15 -8.33 7.03 0.09
CA VAL B 15 -7.91 6.36 -1.11
C VAL B 15 -6.53 6.85 -1.58
N GLY B 16 -6.31 8.16 -1.52
CA GLY B 16 -5.19 8.81 -2.16
C GLY B 16 -3.85 8.44 -1.60
N GLN B 17 -3.73 8.29 -0.30
CA GLN B 17 -2.42 7.89 0.25
C GLN B 17 -1.95 6.52 -0.16
N PRO B 18 -2.75 5.48 0.11
CA PRO B 18 -2.30 4.16 -0.30
C PRO B 18 -2.21 3.97 -1.81
N LEU B 19 -3.01 4.75 -2.56
CA LEU B 19 -2.87 4.80 -4.02
C LEU B 19 -1.53 5.39 -4.38
N SER B 20 -1.10 6.47 -3.73
CA SER B 20 0.20 7.09 -3.97
C SER B 20 1.33 6.14 -3.65
N LEU B 21 1.19 5.39 -2.55
CA LEU B 21 2.14 4.39 -2.11
C LEU B 21 2.27 3.32 -3.20
N LEU B 22 1.16 2.81 -3.64
CA LEU B 22 1.23 1.73 -4.63
C LEU B 22 1.83 2.19 -5.95
N LEU B 23 1.49 3.39 -6.40
CA LEU B 23 2.13 4.00 -7.58
C LEU B 23 3.63 4.29 -7.46
N LYS B 24 4.13 4.56 -6.25
CA LYS B 24 5.58 4.74 -6.03
C LYS B 24 6.28 3.44 -6.28
N LEU B 25 5.61 2.31 -6.07
CA LEU B 25 6.16 0.98 -6.34
C LEU B 25 6.12 0.51 -7.80
N SER B 26 5.54 1.30 -8.69
CA SER B 26 5.43 0.90 -10.08
C SER B 26 6.73 1.12 -10.83
N PRO B 27 7.25 0.10 -11.55
CA PRO B 27 8.44 0.33 -12.41
C PRO B 27 8.18 1.18 -13.66
N TYR B 28 6.93 1.49 -14.00
CA TYR B 28 6.62 2.25 -15.22
C TYR B 28 6.60 3.76 -15.06
N VAL B 29 6.77 4.20 -13.83
CA VAL B 29 6.61 5.57 -13.49
C VAL B 29 7.99 6.16 -13.28
N SER B 30 8.17 7.37 -13.77
CA SER B 30 9.41 8.03 -13.72
C SER B 30 9.33 9.24 -12.78
N GLU B 31 8.28 10.04 -12.89
CA GLU B 31 7.95 11.01 -11.84
C GLU B 31 6.55 10.74 -11.36
N LEU B 32 6.35 11.02 -10.08
CA LEU B 32 5.10 10.86 -9.41
C LEU B 32 4.89 12.18 -8.76
N ALA B 33 3.79 12.85 -9.10
CA ALA B 33 3.46 14.12 -8.50
C ALA B 33 2.18 13.98 -7.75
N LEU B 34 2.15 14.46 -6.49
CA LEU B 34 0.99 14.37 -5.62
C LEU B 34 0.46 15.74 -5.26
N TYR B 35 -0.86 15.94 -5.36
CA TYR B 35 -1.50 17.22 -5.11
C TYR B 35 -2.68 17.00 -4.22
N ASP B 36 -2.90 17.92 -3.27
CA ASP B 36 -4.13 17.93 -2.53
C ASP B 36 -4.34 19.33 -1.98
N ILE B 37 -5.48 19.60 -1.37
CA ILE B 37 -5.63 20.84 -0.68
C ILE B 37 -4.83 20.96 0.64
N ARG B 38 -4.25 19.85 1.09
CA ARG B 38 -3.50 19.82 2.31
C ARG B 38 -2.58 18.60 2.27
N ALA B 39 -1.43 18.73 2.94
CA ALA B 39 -0.60 17.57 3.36
C ALA B 39 0.16 16.84 2.29
N ALA B 40 0.02 17.25 1.03
CA ALA B 40 0.63 16.46 -0.01
C ALA B 40 2.17 16.49 0.00
N GLU B 41 2.76 17.63 0.38
CA GLU B 41 4.26 17.73 0.37
C GLU B 41 4.89 16.73 1.33
N GLY B 42 4.41 16.69 2.57
CA GLY B 42 4.84 15.65 3.48
C GLY B 42 4.66 14.21 3.03
N ILE B 43 3.51 13.89 2.44
CA ILE B 43 3.26 12.55 1.91
C ILE B 43 4.21 12.19 0.79
N GLY B 44 4.51 13.15 -0.08
CA GLY B 44 5.44 12.92 -1.14
C GLY B 44 6.84 12.68 -0.59
N LYS B 45 7.24 13.48 0.37
CA LYS B 45 8.54 13.29 0.99
C LYS B 45 8.67 11.91 1.63
N ASP B 46 7.65 11.55 2.40
CA ASP B 46 7.51 10.19 2.97
C ASP B 46 7.77 9.18 1.87
N LEU B 47 7.02 9.24 0.79
CA LEU B 47 7.17 8.19 -0.22
C LEU B 47 8.51 8.36 -0.99
N SER B 48 9.13 9.54 -1.04
CA SER B 48 10.48 9.69 -1.72
C SER B 48 11.59 8.93 -1.04
N HIS B 49 11.42 8.59 0.25
CA HIS B 49 12.38 7.64 0.91
C HIS B 49 12.33 6.25 0.39
N ILE B 50 11.24 5.84 -0.26
CA ILE B 50 11.15 4.45 -0.72
C ILE B 50 12.15 4.19 -1.87
N ASN B 51 12.85 3.07 -1.81
CA ASN B 51 13.94 2.76 -2.74
C ASN B 51 13.41 2.15 -4.04
N THR B 52 12.60 2.93 -4.76
CA THR B 52 12.17 2.61 -6.13
C THR B 52 12.48 3.82 -6.99
N ASN B 53 12.52 3.58 -8.27
CA ASN B 53 13.24 4.45 -9.16
C ASN B 53 12.59 5.81 -9.44
N SER B 54 11.31 5.94 -9.11
CA SER B 54 10.58 7.15 -9.39
C SER B 54 10.94 8.34 -8.46
N SER B 55 10.92 9.54 -9.01
CA SER B 55 10.96 10.72 -8.17
C SER B 55 9.55 10.97 -7.74
N CYS B 56 9.39 11.44 -6.52
CA CYS B 56 8.11 11.65 -5.93
C CYS B 56 8.17 12.96 -5.22
N VAL B 57 7.36 13.91 -5.70
CA VAL B 57 7.22 15.21 -5.09
C VAL B 57 5.75 15.38 -4.84
N GLY B 58 5.42 15.95 -3.69
CA GLY B 58 4.10 16.48 -3.43
C GLY B 58 4.09 17.98 -3.44
N TYR B 59 2.90 18.53 -3.69
CA TYR B 59 2.76 19.95 -3.94
C TYR B 59 1.71 20.51 -3.06
N ASP B 60 1.88 21.79 -2.74
CA ASP B 60 0.88 22.46 -1.95
C ASP B 60 -0.38 22.76 -2.77
N LYS B 61 -1.41 23.16 -2.03
CA LYS B 61 -2.68 23.60 -2.55
C LYS B 61 -2.70 24.69 -3.62
N ASP B 62 -1.70 25.58 -3.60
CA ASP B 62 -1.55 26.63 -4.60
C ASP B 62 -0.75 26.13 -5.79
N SER B 63 -0.34 24.86 -5.82
CA SER B 63 0.62 24.43 -6.83
C SER B 63 0.13 23.35 -7.79
N ILE B 64 -1.17 23.37 -8.16
CA ILE B 64 -1.67 22.35 -9.08
C ILE B 64 -0.93 22.41 -10.44
N GLU B 65 -0.48 23.59 -10.85
CA GLU B 65 0.14 23.68 -12.17
C GLU B 65 1.47 22.94 -12.19
N ASN B 66 2.28 23.17 -11.16
CA ASN B 66 3.54 22.41 -11.04
C ASN B 66 3.24 20.92 -10.99
N THR B 67 2.19 20.58 -10.24
CA THR B 67 1.83 19.17 -10.21
C THR B 67 1.51 18.62 -11.62
N LEU B 68 0.63 19.33 -12.35
CA LEU B 68 0.11 18.81 -13.65
C LEU B 68 1.07 18.98 -14.82
N SER B 69 1.88 20.04 -14.80
CA SER B 69 2.74 20.37 -15.95
C SER B 69 3.49 19.09 -16.38
N ASN B 70 3.42 18.75 -17.66
CA ASN B 70 4.12 17.61 -18.27
C ASN B 70 3.60 16.22 -17.91
N ALA B 71 2.48 16.12 -17.19
CA ALA B 71 1.97 14.80 -16.78
C ALA B 71 1.31 14.03 -17.97
N GLN B 72 1.41 12.69 -18.03
CA GLN B 72 0.76 11.91 -19.06
C GLN B 72 -0.50 11.17 -18.57
N VAL B 73 -0.59 10.96 -17.25
CA VAL B 73 -1.67 10.25 -16.52
C VAL B 73 -2.02 11.00 -15.26
N VAL B 74 -3.31 11.22 -15.03
CA VAL B 74 -3.82 11.96 -13.92
C VAL B 74 -4.88 11.06 -13.26
N LEU B 75 -4.59 10.62 -12.04
CA LEU B 75 -5.50 9.88 -11.23
C LEU B 75 -6.20 10.91 -10.35
N ILE B 76 -7.54 10.76 -10.19
CA ILE B 76 -8.34 11.62 -9.34
C ILE B 76 -9.10 10.80 -8.28
N PRO B 77 -8.46 10.55 -7.13
CA PRO B 77 -9.13 10.08 -5.92
C PRO B 77 -9.74 11.15 -5.05
N ALA B 78 -9.59 12.41 -5.44
CA ALA B 78 -10.21 13.55 -4.73
C ALA B 78 -11.69 13.40 -4.74
N GLY B 79 -12.32 13.88 -3.68
CA GLY B 79 -13.76 13.86 -3.58
C GLY B 79 -14.20 13.67 -2.16
N VAL B 80 -15.49 13.75 -1.90
CA VAL B 80 -16.00 13.46 -0.58
C VAL B 80 -16.61 12.07 -0.55
N PRO B 81 -16.19 11.28 0.45
CA PRO B 81 -16.71 9.90 0.58
C PRO B 81 -17.98 9.91 1.41
N ARG B 82 -18.67 8.80 1.33
CA ARG B 82 -19.83 8.55 2.15
C ARG B 82 -19.54 8.63 3.60
N LYS B 83 -20.38 9.37 4.29
CA LYS B 83 -20.41 9.38 5.72
C LYS B 83 -21.88 9.58 6.20
N PRO B 84 -22.15 9.24 7.48
CA PRO B 84 -23.56 9.18 7.96
C PRO B 84 -24.34 10.50 7.76
N GLY B 85 -23.70 11.61 8.04
CA GLY B 85 -24.41 12.88 7.78
C GLY B 85 -24.69 13.31 6.32
N LEU B 86 -24.68 12.42 5.30
CA LEU B 86 -24.61 12.85 3.88
C LEU B 86 -25.45 12.05 2.91
N THR B 87 -26.26 12.72 2.12
CA THR B 87 -27.17 12.07 1.16
C THR B 87 -26.41 11.84 -0.13
N ARG B 88 -26.94 11.04 -1.05
CA ARG B 88 -26.29 10.85 -2.36
C ARG B 88 -26.24 12.17 -3.12
N ASP B 89 -27.29 12.95 -2.97
CA ASP B 89 -27.36 14.21 -3.64
C ASP B 89 -26.35 15.24 -3.07
N ASP B 90 -26.15 15.22 -1.76
CA ASP B 90 -25.03 15.96 -1.13
C ASP B 90 -23.70 15.61 -1.80
N LEU B 91 -23.39 14.32 -1.82
CA LEU B 91 -22.17 13.79 -2.39
C LEU B 91 -22.04 14.19 -3.85
N PHE B 92 -23.13 14.04 -4.59
CA PHE B 92 -23.12 14.38 -6.01
C PHE B 92 -22.68 15.82 -6.25
N LYS B 93 -23.27 16.76 -5.52
CA LYS B 93 -23.01 18.17 -5.79
C LYS B 93 -21.65 18.64 -5.34
N MET B 94 -21.20 18.14 -4.21
CA MET B 94 -19.89 18.52 -3.69
C MET B 94 -18.85 17.92 -4.62
N ASN B 95 -19.03 16.65 -4.99
CA ASN B 95 -18.08 16.01 -5.88
C ASN B 95 -18.08 16.54 -7.25
N ALA B 96 -19.23 17.00 -7.72
CA ALA B 96 -19.26 17.59 -9.05
C ALA B 96 -18.37 18.85 -9.17
N GLY B 97 -18.38 19.65 -8.11
CA GLY B 97 -17.53 20.88 -8.02
C GLY B 97 -16.06 20.57 -8.01
N ILE B 98 -15.69 19.55 -7.26
CA ILE B 98 -14.30 19.09 -7.20
C ILE B 98 -13.79 18.58 -8.55
N VAL B 99 -14.57 17.67 -9.16
CA VAL B 99 -14.16 17.09 -10.44
C VAL B 99 -14.09 18.14 -11.52
N LYS B 100 -15.10 18.98 -11.63
CA LYS B 100 -15.02 20.18 -12.52
C LYS B 100 -13.74 21.01 -12.37
N SER B 101 -13.47 21.57 -11.19
CA SER B 101 -12.22 22.33 -10.95
C SER B 101 -11.02 21.52 -11.29
N LEU B 102 -10.93 20.26 -10.85
CA LEU B 102 -9.68 19.51 -11.11
C LEU B 102 -9.52 19.21 -12.58
N VAL B 103 -10.62 18.90 -13.22
CA VAL B 103 -10.57 18.59 -14.65
C VAL B 103 -10.30 19.88 -15.50
N THR B 104 -10.81 21.04 -15.06
CA THR B 104 -10.48 22.31 -15.70
C THR B 104 -8.99 22.57 -15.55
N ALA B 105 -8.45 22.25 -14.38
CA ALA B 105 -7.02 22.33 -14.20
C ALA B 105 -6.30 21.43 -15.13
N VAL B 106 -6.74 20.18 -15.28
CA VAL B 106 -6.13 19.31 -16.29
C VAL B 106 -6.25 20.02 -17.68
N GLY B 107 -7.42 20.50 -18.07
CA GLY B 107 -7.59 21.03 -19.43
C GLY B 107 -6.62 22.19 -19.74
N LYS B 108 -6.32 22.99 -18.71
CA LYS B 108 -5.37 24.06 -18.82
C LYS B 108 -3.89 23.65 -18.77
N PHE B 109 -3.53 22.76 -17.84
CA PHE B 109 -2.12 22.47 -17.60
C PHE B 109 -1.58 21.22 -18.22
N ALA B 110 -2.44 20.27 -18.51
CA ALA B 110 -1.96 19.08 -19.22
C ALA B 110 -3.13 18.43 -19.97
N PRO B 111 -3.70 19.18 -20.96
CA PRO B 111 -4.94 18.79 -21.68
C PRO B 111 -4.90 17.44 -22.37
N ASN B 112 -3.72 16.90 -22.65
CA ASN B 112 -3.58 15.59 -23.31
C ASN B 112 -3.47 14.35 -22.35
N ALA B 113 -3.54 14.57 -21.06
CA ALA B 113 -3.25 13.48 -20.14
C ALA B 113 -4.44 12.52 -20.12
N ARG B 114 -4.18 11.28 -19.76
CA ARG B 114 -5.22 10.26 -19.62
C ARG B 114 -5.78 10.51 -18.18
N ILE B 115 -7.07 10.78 -18.07
CA ILE B 115 -7.69 11.15 -16.81
C ILE B 115 -8.44 9.94 -16.29
N LEU B 116 -8.03 9.44 -15.13
CA LEU B 116 -8.65 8.28 -14.48
C LEU B 116 -9.46 8.75 -13.24
N VAL B 117 -10.78 8.76 -13.39
CA VAL B 117 -11.67 9.36 -12.38
C VAL B 117 -12.09 8.24 -11.40
N ILE B 118 -11.67 8.39 -10.13
CA ILE B 118 -12.07 7.52 -9.03
C ILE B 118 -13.25 8.10 -8.24
N SER B 119 -13.34 9.42 -8.24
CA SER B 119 -14.38 10.11 -7.51
C SER B 119 -15.76 9.52 -7.83
N ASN B 120 -16.53 9.29 -6.78
CA ASN B 120 -17.91 8.77 -6.86
C ASN B 120 -18.93 9.89 -6.59
N PRO B 121 -20.08 9.94 -7.28
CA PRO B 121 -20.59 8.90 -8.19
C PRO B 121 -19.98 8.90 -9.59
N VAL B 122 -19.23 7.86 -9.91
CA VAL B 122 -18.60 7.75 -11.25
C VAL B 122 -19.64 7.92 -12.39
N ASN B 123 -20.88 7.43 -12.23
CA ASN B 123 -21.84 7.42 -13.32
C ASN B 123 -22.22 8.79 -13.83
N SER B 124 -22.16 9.79 -12.94
CA SER B 124 -22.48 11.18 -13.26
C SER B 124 -21.30 12.11 -13.31
N LEU B 125 -20.21 11.80 -12.58
CA LEU B 125 -19.04 12.68 -12.58
C LEU B 125 -18.18 12.53 -13.81
N VAL B 126 -18.16 11.34 -14.41
CA VAL B 126 -17.48 11.16 -15.70
C VAL B 126 -18.10 12.07 -16.73
N PRO B 127 -19.43 12.01 -16.93
CA PRO B 127 -20.08 13.01 -17.79
C PRO B 127 -19.70 14.47 -17.45
N ILE B 128 -19.66 14.82 -16.18
CA ILE B 128 -19.17 16.16 -15.79
C ILE B 128 -17.76 16.41 -16.34
N ALA B 129 -16.85 15.46 -16.12
CA ALA B 129 -15.51 15.56 -16.67
C ALA B 129 -15.54 15.85 -18.18
N VAL B 130 -16.28 15.03 -18.92
CA VAL B 130 -16.29 15.11 -20.36
C VAL B 130 -16.85 16.46 -20.84
N GLU B 131 -17.98 16.83 -20.29
CA GLU B 131 -18.67 18.02 -20.74
C GLU B 131 -17.87 19.27 -20.37
N THR B 132 -17.08 19.19 -19.28
CA THR B 132 -16.13 20.27 -18.88
C THR B 132 -15.04 20.38 -19.93
N LEU B 133 -14.45 19.24 -20.29
CA LEU B 133 -13.43 19.26 -21.34
C LEU B 133 -13.97 19.72 -22.70
N LYS B 134 -15.20 19.31 -23.04
CA LYS B 134 -15.80 19.69 -24.35
C LYS B 134 -15.98 21.17 -24.40
N LYS B 135 -16.49 21.75 -23.31
CA LYS B 135 -16.64 23.18 -23.11
C LYS B 135 -15.33 23.91 -23.38
N MET B 136 -14.21 23.27 -23.03
CA MET B 136 -12.88 23.85 -23.14
C MET B 136 -12.24 23.59 -24.51
N GLY B 137 -12.87 22.79 -25.36
CA GLY B 137 -12.24 22.39 -26.62
C GLY B 137 -11.09 21.45 -26.39
N LYS B 138 -11.14 20.65 -25.31
CA LYS B 138 -9.99 19.82 -24.90
C LYS B 138 -10.31 18.33 -24.75
N PHE B 139 -11.45 17.88 -25.29
CA PHE B 139 -11.92 16.54 -24.98
C PHE B 139 -11.36 15.57 -25.98
N LYS B 140 -10.64 14.57 -25.48
CA LYS B 140 -10.25 13.41 -26.28
C LYS B 140 -10.87 12.19 -25.68
N PRO B 141 -11.81 11.51 -26.41
CA PRO B 141 -12.61 10.41 -25.79
C PRO B 141 -11.80 9.22 -25.30
N GLY B 142 -10.69 8.95 -25.94
CA GLY B 142 -9.81 7.88 -25.49
C GLY B 142 -9.12 8.18 -24.16
N ASN B 143 -9.19 9.42 -23.68
CA ASN B 143 -8.36 9.86 -22.59
C ASN B 143 -9.17 10.12 -21.28
N VAL B 144 -10.46 9.77 -21.23
CA VAL B 144 -11.28 9.97 -20.03
C VAL B 144 -11.86 8.63 -19.63
N MET B 145 -11.47 8.12 -18.46
CA MET B 145 -11.87 6.79 -17.98
C MET B 145 -12.43 6.84 -16.54
N GLY B 146 -13.69 6.46 -16.34
CA GLY B 146 -14.18 6.14 -14.96
C GLY B 146 -13.59 4.82 -14.45
N VAL B 147 -12.95 4.86 -13.27
CA VAL B 147 -12.25 3.69 -12.74
C VAL B 147 -13.28 2.89 -12.04
N THR B 148 -13.71 1.79 -12.66
CA THR B 148 -14.71 0.93 -12.13
C THR B 148 -14.10 -0.37 -11.70
N ASN B 149 -12.76 -0.46 -11.70
CA ASN B 149 -12.08 -1.74 -11.59
C ASN B 149 -12.23 -2.36 -10.22
N LEU B 150 -12.54 -1.57 -9.18
CA LEU B 150 -12.87 -2.17 -7.87
C LEU B 150 -14.05 -3.18 -7.93
N ASP B 151 -14.98 -2.97 -8.85
CA ASP B 151 -16.05 -3.87 -9.03
C ASP B 151 -15.57 -5.23 -9.60
N LEU B 152 -14.62 -5.19 -10.53
CA LEU B 152 -13.99 -6.40 -11.06
C LEU B 152 -13.19 -7.08 -9.94
N VAL B 153 -12.40 -6.32 -9.19
CA VAL B 153 -11.68 -6.93 -8.02
C VAL B 153 -12.62 -7.67 -7.08
N ARG B 154 -13.74 -7.06 -6.75
CA ARG B 154 -14.73 -7.71 -5.88
C ARG B 154 -15.31 -8.99 -6.49
N ALA B 155 -15.68 -8.90 -7.78
CA ALA B 155 -16.29 -10.03 -8.47
C ALA B 155 -15.35 -11.20 -8.44
N GLU B 156 -14.06 -10.96 -8.65
CA GLU B 156 -13.06 -11.98 -8.67
C GLU B 156 -12.95 -12.64 -7.32
N THR B 157 -12.92 -11.80 -6.30
CA THR B 157 -12.82 -12.24 -4.94
C THR B 157 -14.04 -13.01 -4.51
N PHE B 158 -15.22 -12.49 -4.82
CA PHE B 158 -16.45 -13.06 -4.31
C PHE B 158 -16.82 -14.34 -5.07
N LEU B 159 -16.33 -14.49 -6.30
CA LEU B 159 -16.64 -15.68 -7.09
C LEU B 159 -15.90 -16.84 -6.42
N VAL B 160 -14.63 -16.63 -6.06
CA VAL B 160 -13.93 -17.61 -5.28
C VAL B 160 -14.60 -17.83 -3.94
N ASP B 161 -14.97 -16.80 -3.18
CA ASP B 161 -15.55 -16.99 -1.83
C ASP B 161 -16.91 -17.72 -1.91
N TYR B 162 -17.68 -17.51 -2.98
CA TYR B 162 -18.98 -18.21 -3.10
C TYR B 162 -18.82 -19.67 -3.56
N LEU B 163 -17.78 -19.95 -4.31
CA LEU B 163 -17.47 -21.32 -4.74
C LEU B 163 -16.94 -22.11 -3.54
N MET B 164 -16.08 -21.51 -2.69
CA MET B 164 -15.64 -22.15 -1.43
C MET B 164 -16.79 -22.63 -0.54
N LEU B 165 -17.80 -21.76 -0.40
CA LEU B 165 -19.02 -22.01 0.36
C LEU B 165 -19.90 -23.15 -0.16
N LYS B 166 -20.01 -23.25 -1.47
CA LYS B 166 -20.98 -24.16 -2.11
C LYS B 166 -20.41 -25.56 -2.30
N ASN B 167 -19.09 -25.65 -2.33
CA ASN B 167 -18.43 -26.63 -3.16
C ASN B 167 -16.93 -26.52 -2.91
N PRO B 168 -16.48 -26.95 -1.71
CA PRO B 168 -15.04 -26.81 -1.42
C PRO B 168 -14.15 -27.52 -2.45
N LYS B 169 -14.66 -28.55 -3.15
CA LYS B 169 -14.03 -29.12 -4.37
C LYS B 169 -13.53 -28.08 -5.40
N ILE B 170 -14.48 -27.38 -6.05
CA ILE B 170 -14.17 -26.46 -7.17
C ILE B 170 -13.38 -25.23 -6.71
N GLY B 171 -13.81 -24.64 -5.58
CA GLY B 171 -13.15 -23.48 -4.96
C GLY B 171 -11.66 -23.61 -4.62
N GLN B 172 -11.20 -24.85 -4.38
CA GLN B 172 -9.77 -25.17 -4.22
C GLN B 172 -8.98 -24.72 -5.44
N GLU B 173 -9.43 -25.15 -6.63
CA GLU B 173 -8.71 -24.88 -7.89
C GLU B 173 -8.76 -23.40 -8.35
N GLN B 174 -9.60 -22.57 -7.70
CA GLN B 174 -9.70 -21.14 -8.02
C GLN B 174 -8.62 -20.34 -7.29
N ASP B 175 -7.97 -19.47 -8.04
CA ASP B 175 -6.93 -18.60 -7.58
C ASP B 175 -7.53 -17.21 -7.79
N LYS B 176 -7.76 -16.48 -6.70
CA LYS B 176 -8.36 -15.13 -6.80
C LYS B 176 -7.65 -14.17 -7.75
N THR B 177 -6.33 -14.29 -7.87
CA THR B 177 -5.52 -13.37 -8.65
C THR B 177 -5.77 -13.49 -10.15
N THR B 178 -6.21 -14.66 -10.62
CA THR B 178 -6.48 -14.90 -12.08
C THR B 178 -7.96 -15.05 -12.50
N MET B 179 -8.90 -14.87 -11.58
CA MET B 179 -10.32 -15.02 -11.91
C MET B 179 -10.91 -14.07 -12.98
N HIS B 180 -10.17 -13.02 -13.36
CA HIS B 180 -10.59 -12.12 -14.46
C HIS B 180 -10.74 -12.86 -15.79
N ARG B 181 -10.11 -14.02 -15.92
CA ARG B 181 -10.38 -14.99 -16.98
C ARG B 181 -11.77 -15.58 -16.98
N LYS B 182 -12.40 -15.60 -15.81
CA LYS B 182 -13.68 -16.22 -15.60
C LYS B 182 -14.82 -15.25 -15.27
N VAL B 183 -14.55 -13.96 -15.04
CA VAL B 183 -15.64 -13.01 -14.78
C VAL B 183 -15.22 -11.62 -15.24
N THR B 184 -16.21 -10.82 -15.66
CA THR B 184 -16.01 -9.53 -16.23
C THR B 184 -17.13 -8.70 -15.63
N VAL B 185 -16.86 -7.42 -15.34
CA VAL B 185 -17.92 -6.55 -14.82
C VAL B 185 -18.13 -5.39 -15.75
N ILE B 186 -19.40 -5.05 -15.98
CA ILE B 186 -19.75 -4.03 -16.92
C ILE B 186 -20.89 -3.24 -16.32
N GLY B 187 -21.24 -2.16 -17.00
CA GLY B 187 -22.29 -1.23 -16.60
C GLY B 187 -21.84 0.12 -16.06
N GLY B 188 -22.13 0.34 -14.78
CA GLY B 188 -21.81 1.54 -14.06
C GLY B 188 -21.31 1.12 -12.70
N HIS B 189 -21.09 2.11 -11.84
CA HIS B 189 -20.58 1.86 -10.52
C HIS B 189 -21.51 2.34 -9.41
N SER B 190 -22.56 1.59 -9.18
CA SER B 190 -23.54 1.73 -8.10
C SER B 190 -24.31 0.40 -8.10
N GLY B 191 -25.07 0.11 -7.06
CA GLY B 191 -25.72 -1.23 -6.91
C GLY B 191 -26.76 -1.60 -7.99
N GLU B 192 -27.45 -0.61 -8.50
CA GLU B 192 -28.36 -0.75 -9.66
C GLU B 192 -27.63 -0.98 -11.02
N THR B 193 -26.35 -0.58 -11.12
CA THR B 193 -25.71 -0.47 -12.43
C THR B 193 -24.57 -1.42 -12.67
N ILE B 194 -24.16 -2.15 -11.63
CA ILE B 194 -23.05 -3.07 -11.67
C ILE B 194 -23.64 -4.36 -12.23
N ILE B 195 -23.00 -4.90 -13.24
CA ILE B 195 -23.53 -6.09 -13.98
C ILE B 195 -22.40 -7.08 -13.96
N PRO B 196 -22.43 -8.05 -13.03
CA PRO B 196 -21.33 -9.03 -13.06
C PRO B 196 -21.64 -10.11 -14.10
N ILE B 197 -20.73 -10.34 -15.05
CA ILE B 197 -20.92 -11.32 -16.10
C ILE B 197 -19.90 -12.46 -15.93
N ILE B 198 -20.36 -13.57 -15.36
CA ILE B 198 -19.52 -14.77 -15.30
C ILE B 198 -19.42 -15.37 -16.73
N THR B 199 -18.23 -15.37 -17.28
CA THR B 199 -18.00 -15.75 -18.66
C THR B 199 -17.81 -17.28 -18.75
N ASP B 200 -17.38 -17.90 -17.66
CA ASP B 200 -17.42 -19.36 -17.49
C ASP B 200 -18.80 -19.84 -17.08
N LYS B 201 -19.57 -20.31 -18.07
CA LYS B 201 -20.94 -20.74 -17.81
C LYS B 201 -21.06 -21.96 -16.93
N SER B 202 -20.05 -22.84 -16.87
CA SER B 202 -20.01 -23.97 -15.92
C SER B 202 -20.13 -23.46 -14.50
N LEU B 203 -19.38 -22.39 -14.22
CA LEU B 203 -19.34 -21.81 -12.91
C LEU B 203 -20.67 -21.25 -12.49
N VAL B 204 -21.39 -20.64 -13.42
CA VAL B 204 -22.75 -20.15 -13.12
C VAL B 204 -23.60 -21.27 -12.53
N PHE B 205 -23.54 -22.43 -13.19
CA PHE B 205 -24.33 -23.60 -12.78
C PHE B 205 -23.85 -24.20 -11.46
N GLN B 206 -22.54 -24.35 -11.30
CA GLN B 206 -21.97 -24.83 -10.04
C GLN B 206 -22.25 -23.92 -8.84
N LEU B 207 -22.46 -22.63 -9.05
CA LEU B 207 -22.83 -21.76 -7.93
C LEU B 207 -24.21 -22.12 -7.44
N ASP B 208 -25.07 -22.49 -8.39
CA ASP B 208 -26.42 -22.92 -8.10
C ASP B 208 -27.20 -21.76 -7.45
N LYS B 209 -27.79 -21.97 -6.28
CA LYS B 209 -28.55 -20.93 -5.62
C LYS B 209 -27.68 -19.82 -5.01
N GLN B 210 -26.36 -20.02 -4.94
CA GLN B 210 -25.43 -18.97 -4.50
C GLN B 210 -25.14 -17.94 -5.59
N TYR B 211 -25.57 -18.18 -6.84
CA TYR B 211 -25.35 -17.22 -7.95
C TYR B 211 -26.04 -15.88 -7.67
N GLU B 212 -27.28 -15.90 -7.20
CA GLU B 212 -27.99 -14.64 -7.01
C GLU B 212 -27.36 -13.83 -5.88
N HIS B 213 -26.89 -14.53 -4.85
CA HIS B 213 -26.15 -13.90 -3.75
C HIS B 213 -24.83 -13.28 -4.20
N PHE B 214 -24.07 -14.02 -5.00
CA PHE B 214 -22.88 -13.53 -5.64
C PHE B 214 -23.14 -12.27 -6.35
N ILE B 215 -24.23 -12.18 -7.12
CA ILE B 215 -24.54 -11.01 -7.96
C ILE B 215 -24.71 -9.82 -7.00
N HIS B 216 -25.61 -10.03 -6.05
CA HIS B 216 -26.00 -9.03 -5.08
C HIS B 216 -24.80 -8.50 -4.26
N ARG B 217 -23.92 -9.40 -3.89
CA ARG B 217 -22.71 -9.10 -3.15
C ARG B 217 -21.79 -8.19 -3.94
N VAL B 218 -21.55 -8.52 -5.21
CA VAL B 218 -20.73 -7.67 -6.06
C VAL B 218 -21.40 -6.33 -6.15
N GLN B 219 -22.69 -6.34 -6.43
CA GLN B 219 -23.38 -5.05 -6.61
C GLN B 219 -23.34 -4.11 -5.39
N PHE B 220 -23.44 -4.65 -4.20
CA PHE B 220 -23.61 -3.80 -2.98
C PHE B 220 -22.35 -3.79 -2.10
N GLY B 221 -21.22 -4.19 -2.68
CA GLY B 221 -19.93 -4.23 -1.99
C GLY B 221 -19.63 -2.91 -1.32
N GLY B 222 -20.00 -1.81 -1.95
CA GLY B 222 -19.81 -0.47 -1.36
C GLY B 222 -20.48 -0.29 -0.03
N ASP B 223 -21.77 -0.64 0.00
CA ASP B 223 -22.59 -0.65 1.22
C ASP B 223 -22.01 -1.56 2.26
N GLU B 224 -21.47 -2.70 1.84
CA GLU B 224 -20.92 -3.65 2.80
C GLU B 224 -19.75 -3.02 3.59
N ILE B 225 -18.88 -2.26 2.95
CA ILE B 225 -17.72 -1.71 3.69
C ILE B 225 -18.15 -0.53 4.55
N VAL B 226 -19.07 0.26 4.03
CA VAL B 226 -19.64 1.37 4.82
C VAL B 226 -20.19 0.82 6.13
N LYS B 227 -20.99 -0.22 6.04
CA LYS B 227 -21.45 -0.89 7.23
C LYS B 227 -20.35 -1.46 8.11
N ALA B 228 -19.35 -2.12 7.52
CA ALA B 228 -18.26 -2.69 8.32
C ALA B 228 -17.47 -1.62 9.12
N LYS B 229 -17.38 -0.45 8.54
CA LYS B 229 -16.57 0.62 9.07
C LYS B 229 -17.39 1.44 10.02
N GLN B 230 -18.59 0.93 10.31
CA GLN B 230 -19.52 1.43 11.33
C GLN B 230 -19.74 2.90 11.11
N GLY B 231 -20.27 3.19 9.91
CA GLY B 231 -20.82 4.48 9.51
C GLY B 231 -19.75 5.34 8.87
N ALA B 232 -18.67 5.54 9.63
CA ALA B 232 -17.63 6.52 9.34
C ALA B 232 -16.51 5.86 8.55
N GLY B 233 -16.72 5.84 7.24
CA GLY B 233 -15.75 5.46 6.24
C GLY B 233 -16.34 4.62 5.11
N SER B 234 -15.75 4.69 3.92
CA SER B 234 -16.09 3.75 2.82
C SER B 234 -14.79 3.01 2.43
N ALA B 235 -14.83 2.13 1.43
CA ALA B 235 -13.66 1.44 0.96
C ALA B 235 -12.54 2.40 0.56
N THR B 236 -11.33 2.11 1.03
CA THR B 236 -10.18 3.01 0.83
C THR B 236 -9.04 2.15 0.33
N LEU B 237 -8.54 1.29 1.21
CA LEU B 237 -7.39 0.49 0.90
C LEU B 237 -7.62 -0.40 -0.36
N SER B 238 -8.78 -1.00 -0.46
CA SER B 238 -9.01 -1.90 -1.62
C SER B 238 -9.26 -1.11 -2.89
N MET B 239 -9.79 0.09 -2.75
CA MET B 239 -9.89 1.01 -3.88
C MET B 239 -8.51 1.42 -4.36
N ALA B 240 -7.63 1.73 -3.42
CA ALA B 240 -6.25 2.04 -3.74
C ALA B 240 -5.64 0.91 -4.59
N PHE B 241 -5.85 -0.32 -4.15
CA PHE B 241 -5.37 -1.49 -4.85
C PHE B 241 -5.90 -1.59 -6.24
N ALA B 242 -7.22 -1.55 -6.36
CA ALA B 242 -7.90 -1.67 -7.65
C ALA B 242 -7.54 -0.61 -8.62
N GLY B 243 -7.50 0.61 -8.09
CA GLY B 243 -7.11 1.77 -8.85
C GLY B 243 -5.68 1.78 -9.31
N ALA B 244 -4.76 1.31 -8.46
CA ALA B 244 -3.37 1.14 -8.92
C ALA B 244 -3.28 -0.01 -9.97
N LYS B 245 -4.08 -1.05 -9.82
CA LYS B 245 -4.07 -2.12 -10.83
C LYS B 245 -4.46 -1.55 -12.21
N PHE B 246 -5.58 -0.84 -12.28
CA PHE B 246 -6.00 -0.19 -13.50
C PHE B 246 -4.94 0.77 -14.04
N ALA B 247 -4.36 1.61 -13.19
CA ALA B 247 -3.34 2.56 -13.62
C ALA B 247 -2.17 1.82 -14.21
N GLU B 248 -1.86 0.66 -13.64
CA GLU B 248 -0.72 -0.13 -14.10
C GLU B 248 -1.00 -0.68 -15.54
N GLU B 249 -2.25 -1.05 -15.88
CA GLU B 249 -2.64 -1.41 -17.25
C GLU B 249 -2.54 -0.21 -18.18
N VAL B 250 -3.03 0.93 -17.77
CA VAL B 250 -2.86 2.17 -18.55
C VAL B 250 -1.33 2.46 -18.76
N LEU B 251 -0.51 2.13 -17.78
CA LEU B 251 0.95 2.47 -17.85
C LEU B 251 1.73 1.52 -18.75
N ARG B 252 1.40 0.23 -18.60
CA ARG B 252 1.82 -0.85 -19.46
C ARG B 252 1.70 -0.44 -20.88
N SER B 253 0.54 0.13 -21.22
CA SER B 253 0.24 0.43 -22.61
C SER B 253 1.11 1.52 -23.22
N PHE B 254 1.85 2.31 -22.44
CA PHE B 254 2.92 3.14 -23.02
C PHE B 254 4.14 2.33 -23.49
N HIS B 255 4.36 1.14 -22.93
CA HIS B 255 5.57 0.32 -23.17
C HIS B 255 5.23 -0.89 -24.03
N ASN B 256 4.25 -0.75 -24.90
CA ASN B 256 3.75 -1.80 -25.79
C ASN B 256 3.73 -3.24 -25.21
N GLU B 257 2.95 -3.41 -24.14
CA GLU B 257 2.85 -4.68 -23.40
C GLU B 257 1.39 -5.16 -23.29
N LYS B 258 1.20 -6.50 -23.31
CA LYS B 258 -0.14 -7.12 -23.22
C LYS B 258 -0.79 -6.79 -21.86
N PRO B 259 -2.09 -6.42 -21.84
CA PRO B 259 -2.71 -6.28 -20.52
C PRO B 259 -2.74 -7.62 -19.74
N GLU B 260 -2.53 -7.56 -18.43
CA GLU B 260 -2.61 -8.76 -17.58
C GLU B 260 -4.04 -9.13 -17.23
N THR B 261 -4.92 -8.15 -17.06
CA THR B 261 -6.35 -8.43 -16.93
C THR B 261 -6.95 -8.61 -18.32
N GLU B 262 -7.48 -9.80 -18.59
CA GLU B 262 -8.38 -10.02 -19.72
C GLU B 262 -9.72 -9.27 -19.50
N SER B 263 -10.13 -8.48 -20.51
CA SER B 263 -11.44 -7.78 -20.47
C SER B 263 -11.51 -6.74 -19.34
N LEU B 264 -10.47 -5.91 -19.31
CA LEU B 264 -10.37 -4.84 -18.33
C LEU B 264 -11.34 -3.69 -18.66
N SER B 265 -12.27 -3.41 -17.75
CA SER B 265 -13.32 -2.46 -18.04
C SER B 265 -13.13 -1.09 -17.39
N ALA B 266 -13.63 -0.04 -18.08
CA ALA B 266 -13.68 1.31 -17.53
C ALA B 266 -14.92 1.99 -18.12
N PHE B 267 -15.41 2.99 -17.41
CA PHE B 267 -16.60 3.73 -17.79
C PHE B 267 -16.18 4.83 -18.75
N VAL B 268 -16.60 4.67 -20.01
CA VAL B 268 -16.09 5.50 -21.13
C VAL B 268 -17.23 6.05 -21.99
N TYR B 269 -16.88 7.07 -22.77
CA TYR B 269 -17.80 7.83 -23.64
C TYR B 269 -17.98 7.07 -24.97
N LEU B 270 -19.03 6.29 -25.07
CA LEU B 270 -19.28 5.44 -26.24
C LEU B 270 -19.27 6.13 -27.62
N PRO B 271 -19.86 7.33 -27.74
CA PRO B 271 -19.98 7.89 -29.12
C PRO B 271 -18.68 8.37 -29.72
N GLY B 272 -17.58 8.40 -28.96
CA GLY B 272 -16.33 8.90 -29.44
C GLY B 272 -15.30 7.82 -29.63
N LEU B 273 -15.71 6.56 -29.46
CA LEU B 273 -14.77 5.47 -29.42
C LEU B 273 -15.20 4.42 -30.39
N LYS B 274 -14.26 3.65 -30.90
CA LYS B 274 -14.50 2.66 -31.92
C LYS B 274 -15.27 1.52 -31.29
N ASN B 275 -16.29 1.05 -32.02
CA ASN B 275 -17.27 0.07 -31.56
C ASN B 275 -18.27 0.61 -30.53
N GLY B 276 -18.26 1.92 -30.28
CA GLY B 276 -19.18 2.47 -29.31
C GLY B 276 -20.62 2.36 -29.76
N LYS B 277 -20.83 2.53 -31.06
CA LYS B 277 -22.18 2.48 -31.61
C LYS B 277 -22.68 1.04 -31.52
N LYS B 278 -21.83 0.09 -31.84
CA LYS B 278 -22.19 -1.34 -31.63
C LYS B 278 -22.49 -1.64 -30.12
N ALA B 279 -21.69 -1.08 -29.21
CA ALA B 279 -21.98 -1.25 -27.76
C ALA B 279 -23.37 -0.68 -27.39
N GLN B 280 -23.65 0.52 -27.88
CA GLN B 280 -24.96 1.12 -27.69
C GLN B 280 -26.13 0.19 -28.06
N GLN B 281 -26.01 -0.45 -29.22
CA GLN B 281 -27.07 -1.33 -29.76
C GLN B 281 -27.18 -2.56 -28.92
N LEU B 282 -26.03 -3.18 -28.71
CA LEU B 282 -25.91 -4.39 -27.87
C LEU B 282 -26.43 -4.22 -26.46
N VAL B 283 -26.38 -3.01 -25.85
CA VAL B 283 -26.93 -2.85 -24.48
C VAL B 283 -28.38 -2.44 -24.53
N GLY B 284 -28.97 -2.39 -25.74
CA GLY B 284 -30.36 -2.04 -25.97
C GLY B 284 -30.69 -0.55 -25.89
N ASP B 285 -29.74 0.33 -26.13
CA ASP B 285 -30.09 1.75 -26.13
C ASP B 285 -29.14 2.58 -26.98
N ASN B 286 -29.70 3.06 -28.09
CA ASN B 286 -28.95 3.64 -29.21
C ASN B 286 -28.34 5.01 -28.99
N SER B 287 -28.77 5.69 -27.94
CA SER B 287 -28.17 6.99 -27.63
C SER B 287 -27.49 7.06 -26.22
N ILE B 288 -27.36 5.94 -25.51
CA ILE B 288 -26.71 6.03 -24.18
C ILE B 288 -25.22 6.35 -24.40
N GLU B 289 -24.73 7.37 -23.68
CA GLU B 289 -23.44 7.98 -23.95
C GLU B 289 -22.25 7.37 -23.21
N TYR B 290 -22.51 6.66 -22.13
CA TYR B 290 -21.48 6.09 -21.28
C TYR B 290 -21.86 4.66 -20.87
N PHE B 291 -20.86 3.80 -20.77
CA PHE B 291 -20.96 2.49 -20.17
C PHE B 291 -19.56 2.02 -19.77
N SER B 292 -19.49 1.23 -18.71
CA SER B 292 -18.29 0.52 -18.33
C SER B 292 -18.24 -0.81 -19.08
N LEU B 293 -17.20 -0.93 -19.92
CA LEU B 293 -17.02 -2.02 -20.88
C LEU B 293 -15.54 -2.33 -21.07
N PRO B 294 -15.25 -3.54 -21.48
CA PRO B 294 -13.82 -3.88 -21.74
C PRO B 294 -13.17 -2.99 -22.79
N ILE B 295 -11.97 -2.52 -22.55
CA ILE B 295 -11.35 -1.51 -23.42
C ILE B 295 -9.97 -1.96 -23.92
N VAL B 296 -9.53 -1.47 -25.06
CA VAL B 296 -8.21 -1.77 -25.60
C VAL B 296 -7.40 -0.49 -25.46
N LEU B 297 -6.24 -0.56 -24.81
CA LEU B 297 -5.37 0.62 -24.61
C LEU B 297 -4.09 0.68 -25.46
N ARG B 298 -3.79 1.85 -26.03
CA ARG B 298 -2.45 2.15 -26.63
C ARG B 298 -1.99 3.55 -26.18
N ASN B 299 -0.76 3.64 -25.69
CA ASN B 299 -0.22 4.89 -25.10
C ASN B 299 -1.17 5.55 -24.11
N GLY B 300 -1.72 4.70 -23.25
CA GLY B 300 -2.60 5.11 -22.20
C GLY B 300 -3.96 5.66 -22.64
N SER B 301 -4.29 5.52 -23.91
CA SER B 301 -5.59 6.00 -24.46
C SER B 301 -6.42 4.82 -24.88
N VAL B 302 -7.74 4.90 -24.68
CA VAL B 302 -8.66 3.89 -25.20
C VAL B 302 -8.86 4.11 -26.71
N VAL B 303 -8.49 3.12 -27.50
CA VAL B 303 -8.59 3.20 -28.95
C VAL B 303 -9.72 2.30 -29.44
N SER B 304 -10.10 1.25 -28.68
CA SER B 304 -11.40 0.57 -28.95
C SER B 304 -12.10 -0.03 -27.73
N ILE B 305 -13.37 -0.37 -27.94
CA ILE B 305 -14.18 -1.09 -26.97
C ILE B 305 -14.39 -2.48 -27.51
N ASP B 306 -14.12 -3.49 -26.70
CA ASP B 306 -14.33 -4.86 -27.08
C ASP B 306 -15.71 -5.24 -26.56
N THR B 307 -16.65 -5.45 -27.46
CA THR B 307 -18.00 -5.81 -27.08
C THR B 307 -18.28 -7.27 -26.91
N SER B 308 -17.29 -8.16 -27.02
CA SER B 308 -17.55 -9.63 -26.93
C SER B 308 -18.46 -10.06 -25.78
N VAL B 309 -18.22 -9.46 -24.62
CA VAL B 309 -18.96 -9.87 -23.44
C VAL B 309 -20.46 -9.56 -23.55
N LEU B 310 -20.83 -8.60 -24.41
CA LEU B 310 -22.21 -8.29 -24.68
C LEU B 310 -22.90 -9.24 -25.65
N GLU B 311 -22.17 -10.21 -26.19
CA GLU B 311 -22.70 -11.04 -27.30
C GLU B 311 -23.24 -12.39 -26.89
N LYS B 312 -22.99 -12.78 -25.63
CA LYS B 312 -23.30 -14.10 -25.07
C LYS B 312 -24.03 -14.01 -23.73
N LEU B 313 -24.74 -12.91 -23.50
CA LEU B 313 -25.55 -12.70 -22.31
C LEU B 313 -26.62 -13.75 -22.11
N SER B 314 -26.74 -14.24 -20.89
CA SER B 314 -27.86 -15.08 -20.43
C SER B 314 -29.10 -14.23 -20.34
N PRO B 315 -30.28 -14.87 -20.31
CA PRO B 315 -31.51 -14.07 -20.04
C PRO B 315 -31.42 -13.26 -18.74
N ARG B 316 -30.85 -13.87 -17.70
CA ARG B 316 -30.69 -13.22 -16.39
C ARG B 316 -29.82 -11.94 -16.52
N GLU B 317 -28.69 -12.10 -17.20
CA GLU B 317 -27.79 -11.00 -17.48
C GLU B 317 -28.42 -9.91 -18.34
N GLU B 318 -29.20 -10.31 -19.34
CA GLU B 318 -29.98 -9.31 -20.14
C GLU B 318 -30.83 -8.41 -19.23
N GLN B 319 -31.42 -9.01 -18.21
CA GLN B 319 -32.30 -8.30 -17.29
C GLN B 319 -31.47 -7.34 -16.41
N LEU B 320 -30.29 -7.78 -16.00
CA LEU B 320 -29.36 -6.91 -15.29
C LEU B 320 -28.96 -5.73 -16.19
N VAL B 321 -28.66 -6.00 -17.46
CA VAL B 321 -28.31 -4.93 -18.41
C VAL B 321 -29.43 -3.88 -18.52
N ASN B 322 -30.65 -4.39 -18.71
CA ASN B 322 -31.85 -3.56 -18.80
C ASN B 322 -32.04 -2.69 -17.59
N THR B 323 -31.96 -3.26 -16.42
CA THR B 323 -32.02 -2.50 -15.18
C THR B 323 -30.90 -1.42 -15.13
N ALA B 324 -29.68 -1.80 -15.48
CA ALA B 324 -28.54 -0.90 -15.51
C ALA B 324 -28.71 0.29 -16.44
N VAL B 325 -29.12 0.02 -17.68
CA VAL B 325 -29.35 1.02 -18.68
C VAL B 325 -30.29 2.12 -18.22
N LYS B 326 -31.42 1.73 -17.64
CA LYS B 326 -32.42 2.70 -17.19
C LYS B 326 -31.92 3.56 -16.04
N GLU B 327 -31.21 2.96 -15.10
CA GLU B 327 -30.56 3.80 -14.07
C GLU B 327 -29.45 4.74 -14.64
N LEU B 328 -28.62 4.14 -15.47
CA LEU B 328 -27.52 4.85 -16.08
C LEU B 328 -27.99 6.04 -16.86
N ARG B 329 -29.07 5.90 -17.63
CA ARG B 329 -29.59 7.04 -18.39
C ARG B 329 -29.91 8.22 -17.46
N LYS B 330 -30.50 7.94 -16.32
CA LYS B 330 -30.80 8.98 -15.36
C LYS B 330 -29.54 9.58 -14.70
N ASN B 331 -28.58 8.71 -14.38
CA ASN B 331 -27.34 9.14 -13.77
C ASN B 331 -26.61 10.06 -14.74
N ILE B 332 -26.51 9.67 -15.99
CA ILE B 332 -25.84 10.49 -16.99
C ILE B 332 -26.52 11.85 -17.17
N GLU B 333 -27.85 11.84 -17.25
CA GLU B 333 -28.59 13.07 -17.48
C GLU B 333 -28.41 14.00 -16.26
N LYS B 334 -28.40 13.45 -15.07
CA LYS B 334 -28.20 14.27 -13.90
C LYS B 334 -26.81 14.94 -14.00
N GLY B 335 -25.80 14.18 -14.39
CA GLY B 335 -24.45 14.74 -14.66
C GLY B 335 -24.38 15.86 -15.70
N LYS B 336 -24.90 15.59 -16.89
CA LYS B 336 -24.76 16.52 -18.00
C LYS B 336 -25.53 17.79 -17.72
N SER B 337 -26.69 17.66 -17.10
CA SER B 337 -27.57 18.76 -16.89
C SER B 337 -27.09 19.64 -15.73
N PHE B 338 -26.33 19.09 -14.78
CA PHE B 338 -25.69 19.94 -13.75
C PHE B 338 -24.71 20.94 -14.38
N ILE B 339 -24.11 20.58 -15.53
CA ILE B 339 -23.13 21.38 -16.25
C ILE B 339 -23.58 21.97 -17.63
N LEU B 340 -24.89 21.98 -17.95
CA LEU B 340 -25.45 22.41 -19.31
C LEU B 340 -26.73 23.23 -19.17
#